data_6AWH
#
_entry.id   6AWH
#
_cell.length_a   56.776
_cell.length_b   136.671
_cell.length_c   141.393
_cell.angle_alpha   90.000
_cell.angle_beta   90.000
_cell.angle_gamma   90.000
#
_symmetry.space_group_name_H-M   'P 21 21 21'
#
loop_
_entity.id
_entity.type
_entity.pdbx_description
1 polymer 'Type II pantothenate kinase'
2 non-polymer "ADENOSINE-5'-TRIPHOSPHATE"
3 non-polymer 'MAGNESIUM ION'
4 non-polymer (2R)-2-hydroxy-N-{3-[(5-methoxypentyl)amino]-3-oxopropyl}-3,3-dimethylbutanamide
5 water water
#
_entity_poly.entity_id   1
_entity_poly.type   'polypeptide(L)'
_entity_poly.pdbx_seq_one_letter_code
;MKVGIDAGGTLIKIVQEQDNQRTFKTELTKNIDQVVEWLNQQQIEKLCLTGGNAGVIAENINIPAQIFVEFDAASQGLGI
LLKEQGHDLADYIFANVGTGTSLHYFDGQSQRRVGGIGTGGGMIQGLGYLLSQITDYKQLTDMAQHGDRNTIDLKVRHIY
KDTEPPIPGDLTAANFGHVLHHLDADFTPSNKLAAVIGVVGEVVTTMAITVAREFKTENIVYIGSSFHNNALLRKVVEDY
TVLRGCKPYYVENGAFSGAIGALYLE
;
_entity_poly.pdbx_strand_id   A,B,C,D
#
loop_
_chem_comp.id
_chem_comp.type
_chem_comp.name
_chem_comp.formula
ATP non-polymer ADENOSINE-5'-TRIPHOSPHATE 'C10 H16 N5 O13 P3'
MG non-polymer 'MAGNESIUM ION' 'Mg 2'
N7G non-polymer (2R)-2-hydroxy-N-{3-[(5-methoxypentyl)amino]-3-oxopropyl}-3,3-dimethylbutanamide 'C15 H30 N2 O4'
#
# COMPACT_ATOMS: atom_id res chain seq x y z
N MET A 1 -11.87 47.24 -9.95
CA MET A 1 -11.66 45.81 -10.05
C MET A 1 -12.04 45.14 -11.39
N LYS A 2 -11.07 44.49 -12.01
CA LYS A 2 -11.22 43.76 -13.25
C LYS A 2 -11.33 42.26 -12.90
N VAL A 3 -12.24 41.55 -13.57
CA VAL A 3 -12.49 40.14 -13.27
C VAL A 3 -12.47 39.28 -14.55
N GLY A 4 -11.71 38.20 -14.47
CA GLY A 4 -11.68 37.18 -15.51
C GLY A 4 -12.16 35.87 -14.93
N ILE A 5 -13.04 35.20 -15.65
CA ILE A 5 -13.61 33.94 -15.21
C ILE A 5 -13.51 32.89 -16.29
N ASP A 6 -12.97 31.74 -15.90
CA ASP A 6 -12.93 30.52 -16.72
C ASP A 6 -13.86 29.50 -16.08
N ALA A 7 -15.08 29.41 -16.60
CA ALA A 7 -16.13 28.55 -16.03
C ALA A 7 -16.16 27.23 -16.79
N GLY A 8 -15.42 26.29 -16.27
CA GLY A 8 -15.22 25.01 -16.94
C GLY A 8 -16.24 23.99 -16.52
N GLY A 9 -16.05 22.78 -17.03
CA GLY A 9 -16.96 21.66 -16.73
C GLY A 9 -17.05 21.26 -15.26
N THR A 10 -15.97 21.44 -14.52
CA THR A 10 -15.92 21.06 -13.10
C THR A 10 -15.61 22.22 -12.13
N LEU A 11 -14.64 23.05 -12.47
CA LEU A 11 -14.27 24.20 -11.65
C LEU A 11 -14.43 25.52 -12.40
N ILE A 12 -14.80 26.53 -11.63
CA ILE A 12 -14.83 27.91 -12.05
C ILE A 12 -13.59 28.56 -11.46
N LYS A 13 -12.74 29.09 -12.33
CA LYS A 13 -11.54 29.83 -11.91
C LYS A 13 -11.80 31.31 -12.06
N ILE A 14 -11.59 32.04 -10.99
CA ILE A 14 -11.83 33.49 -10.96
C ILE A 14 -10.52 34.21 -10.63
N VAL A 15 -10.13 35.13 -11.50
CA VAL A 15 -9.03 36.05 -11.25
C VAL A 15 -9.61 37.45 -11.09
N GLN A 16 -9.32 38.05 -9.94
CA GLN A 16 -9.61 39.47 -9.68
C GLN A 16 -8.32 40.29 -9.71
N GLU A 17 -8.36 41.36 -10.47
CA GLU A 17 -7.23 42.28 -10.58
C GLU A 17 -7.59 43.64 -10.07
N GLN A 18 -6.67 44.19 -9.29
CA GLN A 18 -6.83 45.53 -8.74
C GLN A 18 -5.44 46.09 -8.57
N ASP A 19 -5.05 47.00 -9.45
CA ASP A 19 -3.75 47.70 -9.35
C ASP A 19 -2.58 46.74 -9.33
N ASN A 20 -2.60 45.77 -10.22
CA ASN A 20 -1.54 44.70 -10.24
C ASN A 20 -1.42 43.80 -8.96
N GLN A 21 -2.44 43.79 -8.13
CA GLN A 21 -2.63 42.77 -7.07
C GLN A 21 -3.66 41.83 -7.65
N ARG A 22 -3.30 40.56 -7.68
CA ARG A 22 -4.17 39.50 -8.17
C ARG A 22 -4.73 38.68 -7.02
N THR A 23 -5.99 38.33 -7.17
CA THR A 23 -6.65 37.31 -6.33
C THR A 23 -7.00 36.14 -7.23
N PHE A 24 -6.74 34.92 -6.76
CA PHE A 24 -7.06 33.68 -7.48
C PHE A 24 -8.04 32.87 -6.67
N LYS A 25 -9.21 32.62 -7.24
CA LYS A 25 -10.30 32.01 -6.54
C LYS A 25 -10.86 30.84 -7.34
N THR A 26 -11.03 29.72 -6.67
CA THR A 26 -11.64 28.52 -7.24
C THR A 26 -12.99 28.25 -6.59
N GLU A 27 -13.98 27.99 -7.44
CA GLU A 27 -15.29 27.58 -7.01
C GLU A 27 -15.75 26.38 -7.82
N LEU A 28 -16.58 25.54 -7.23
CA LEU A 28 -17.17 24.42 -7.94
C LEU A 28 -18.16 24.91 -8.99
N THR A 29 -18.10 24.31 -10.17
CA THR A 29 -19.08 24.60 -11.22
C THR A 29 -20.50 24.26 -10.73
N LYS A 30 -20.65 23.21 -9.92
CA LYS A 30 -21.97 22.93 -9.30
C LYS A 30 -22.53 24.12 -8.51
N ASN A 31 -21.66 24.97 -7.95
CA ASN A 31 -22.06 26.19 -7.22
C ASN A 31 -22.06 27.48 -8.05
N ILE A 32 -22.27 27.34 -9.36
CA ILE A 32 -22.26 28.49 -10.29
C ILE A 32 -23.24 29.61 -9.88
N ASP A 33 -24.38 29.24 -9.34
CA ASP A 33 -25.38 30.20 -8.80
C ASP A 33 -24.81 31.16 -7.76
N GLN A 34 -23.92 30.64 -6.93
CA GLN A 34 -23.21 31.49 -5.94
C GLN A 34 -22.21 32.45 -6.57
N VAL A 35 -21.55 32.00 -7.62
CA VAL A 35 -20.63 32.87 -8.37
C VAL A 35 -21.43 34.03 -8.99
N VAL A 36 -22.59 33.70 -9.52
CA VAL A 36 -23.47 34.69 -10.14
C VAL A 36 -23.92 35.73 -9.10
N GLU A 37 -24.40 35.25 -7.97
CA GLU A 37 -24.82 36.12 -6.84
C GLU A 37 -23.70 37.07 -6.41
N TRP A 38 -22.52 36.49 -6.26
CA TRP A 38 -21.32 37.22 -5.86
C TRP A 38 -21.00 38.35 -6.86
N LEU A 39 -20.99 38.01 -8.15
CA LEU A 39 -20.74 38.98 -9.24
C LEU A 39 -21.72 40.13 -9.22
N ASN A 40 -22.99 39.80 -9.01
CA ASN A 40 -24.06 40.81 -9.03
C ASN A 40 -23.97 41.87 -7.92
N GLN A 41 -23.25 41.53 -6.85
CA GLN A 41 -22.95 42.47 -5.74
C GLN A 41 -21.62 43.21 -5.81
N GLN A 42 -20.78 42.85 -6.77
CA GLN A 42 -19.46 43.49 -6.89
C GLN A 42 -19.47 44.72 -7.76
N GLN A 43 -18.48 45.57 -7.52
CA GLN A 43 -18.22 46.75 -8.34
C GLN A 43 -17.18 46.33 -9.35
N ILE A 44 -17.62 46.06 -10.59
CA ILE A 44 -16.73 45.52 -11.63
C ILE A 44 -16.54 46.49 -12.78
N GLU A 45 -15.30 46.87 -13.00
CA GLU A 45 -14.94 47.76 -14.11
C GLU A 45 -15.01 47.02 -15.44
N LYS A 46 -14.53 45.79 -15.44
CA LYS A 46 -14.66 44.95 -16.64
C LYS A 46 -14.65 43.47 -16.29
N LEU A 47 -15.49 42.77 -17.02
CA LEU A 47 -15.75 41.37 -16.78
C LEU A 47 -15.56 40.61 -18.09
N CYS A 48 -14.67 39.64 -18.05
CA CYS A 48 -14.38 38.76 -19.20
C CYS A 48 -14.62 37.31 -18.82
N LEU A 49 -15.26 36.58 -19.72
CA LEU A 49 -15.66 35.19 -19.45
C LEU A 49 -15.13 34.25 -20.52
N THR A 50 -14.89 33.03 -20.11
CA THR A 50 -14.52 31.95 -21.02
C THR A 50 -14.89 30.61 -20.40
N GLY A 51 -14.79 29.56 -21.20
CA GLY A 51 -15.11 28.20 -20.76
C GLY A 51 -16.54 27.79 -21.10
N GLY A 52 -16.81 26.49 -20.97
CA GLY A 52 -18.12 25.94 -21.34
C GLY A 52 -19.34 26.54 -20.65
N ASN A 53 -19.16 26.94 -19.38
CA ASN A 53 -20.25 27.53 -18.58
C ASN A 53 -20.27 29.04 -18.52
N ALA A 54 -19.51 29.68 -19.40
CA ALA A 54 -19.50 31.15 -19.50
C ALA A 54 -20.90 31.71 -19.75
N GLY A 55 -21.65 31.03 -20.63
CA GLY A 55 -23.01 31.43 -21.01
C GLY A 55 -23.98 31.43 -19.86
N VAL A 56 -23.89 30.43 -19.00
CA VAL A 56 -24.73 30.35 -17.78
C VAL A 56 -24.48 31.57 -16.86
N ILE A 57 -23.22 31.96 -16.73
CA ILE A 57 -22.88 33.19 -15.99
C ILE A 57 -23.42 34.45 -16.71
N ALA A 58 -23.13 34.57 -17.99
CA ALA A 58 -23.52 35.78 -18.77
C ALA A 58 -25.04 36.04 -18.77
N GLU A 59 -25.82 34.96 -18.89
CA GLU A 59 -27.30 35.04 -18.95
C GLU A 59 -27.98 35.38 -17.60
N ASN A 60 -27.24 35.24 -16.50
CA ASN A 60 -27.80 35.43 -15.15
C ASN A 60 -27.22 36.59 -14.38
N ILE A 61 -26.33 37.34 -15.01
CA ILE A 61 -25.73 38.52 -14.37
C ILE A 61 -26.35 39.80 -14.88
N ASN A 62 -26.18 40.86 -14.10
CA ASN A 62 -26.83 42.15 -14.39
C ASN A 62 -25.97 43.11 -15.23
N ILE A 63 -24.75 42.72 -15.58
CA ILE A 63 -23.83 43.59 -16.30
C ILE A 63 -23.42 42.95 -17.63
N PRO A 64 -22.96 43.76 -18.61
CA PRO A 64 -22.37 43.18 -19.81
C PRO A 64 -21.08 42.43 -19.50
N ALA A 65 -20.71 41.53 -20.41
CA ALA A 65 -19.50 40.74 -20.26
C ALA A 65 -18.99 40.32 -21.63
N GLN A 66 -17.69 40.46 -21.82
CA GLN A 66 -17.05 39.92 -23.01
C GLN A 66 -16.80 38.43 -22.83
N ILE A 67 -17.05 37.67 -23.90
CA ILE A 67 -16.89 36.21 -23.90
C ILE A 67 -15.82 35.87 -24.92
N PHE A 68 -14.88 35.02 -24.51
CA PHE A 68 -13.77 34.59 -25.34
C PHE A 68 -13.71 33.08 -25.42
N VAL A 69 -13.09 32.59 -26.48
CA VAL A 69 -12.94 31.15 -26.70
C VAL A 69 -11.81 30.66 -25.80
N GLU A 70 -12.06 29.58 -25.08
CA GLU A 70 -11.15 29.11 -24.02
C GLU A 70 -9.73 28.77 -24.49
N PHE A 71 -9.61 28.32 -25.71
CA PHE A 71 -8.29 27.93 -26.26
C PHE A 71 -7.37 29.15 -26.43
N ASP A 72 -7.93 30.22 -26.97
CA ASP A 72 -7.19 31.47 -27.10
C ASP A 72 -6.92 32.09 -25.73
N ALA A 73 -7.91 32.09 -24.87
CA ALA A 73 -7.78 32.61 -23.51
C ALA A 73 -6.68 31.86 -22.73
N ALA A 74 -6.75 30.55 -22.75
CA ALA A 74 -5.74 29.72 -22.08
C ALA A 74 -4.32 30.07 -22.59
N SER A 75 -4.18 30.14 -23.91
CA SER A 75 -2.89 30.46 -24.53
C SER A 75 -2.36 31.84 -24.09
N GLN A 76 -3.24 32.81 -24.08
CA GLN A 76 -2.86 34.19 -23.72
C GLN A 76 -2.37 34.26 -22.26
N GLY A 77 -3.16 33.68 -21.36
CA GLY A 77 -2.84 33.71 -19.92
C GLY A 77 -1.59 32.92 -19.60
N LEU A 78 -1.45 31.77 -20.26
CA LEU A 78 -0.29 30.93 -20.06
C LEU A 78 1.01 31.66 -20.46
N GLY A 79 0.95 32.35 -21.59
CA GLY A 79 2.10 33.16 -22.05
C GLY A 79 2.49 34.21 -21.04
N ILE A 80 1.48 34.86 -20.44
CA ILE A 80 1.70 35.83 -19.38
C ILE A 80 2.38 35.22 -18.17
N LEU A 81 1.85 34.09 -17.71
CA LEU A 81 2.42 33.40 -16.55
C LEU A 81 3.85 32.91 -16.79
N LEU A 82 4.07 32.36 -17.97
CA LEU A 82 5.42 31.82 -18.31
C LEU A 82 6.49 32.93 -18.21
N LYS A 83 6.16 34.08 -18.77
CA LYS A 83 7.08 35.23 -18.80
C LYS A 83 7.32 35.79 -17.40
N GLU A 84 6.24 35.91 -16.63
CA GLU A 84 6.34 36.32 -15.20
C GLU A 84 7.27 35.40 -14.41
N GLN A 85 7.21 34.12 -14.72
CA GLN A 85 7.97 33.08 -13.97
C GLN A 85 9.32 32.71 -14.59
N GLY A 86 9.74 33.50 -15.56
CA GLY A 86 11.10 33.36 -16.10
C GLY A 86 11.34 32.24 -17.10
N HIS A 87 10.28 31.78 -17.74
CA HIS A 87 10.39 30.85 -18.87
C HIS A 87 10.20 31.60 -20.17
N ASP A 88 11.24 31.62 -20.98
CA ASP A 88 11.20 32.29 -22.28
C ASP A 88 11.30 31.15 -23.28
N LEU A 89 10.16 30.63 -23.63
CA LEU A 89 10.09 29.48 -24.54
C LEU A 89 9.74 29.99 -25.93
N ALA A 90 10.56 29.65 -26.91
CA ALA A 90 10.30 30.05 -28.30
C ALA A 90 9.02 29.43 -28.84
N ASP A 91 8.77 28.20 -28.41
CA ASP A 91 7.57 27.46 -28.81
C ASP A 91 7.34 26.32 -27.84
N TYR A 92 6.14 25.77 -27.88
CA TYR A 92 5.78 24.68 -26.98
C TYR A 92 4.44 24.03 -27.31
N ILE A 93 4.32 22.80 -26.90
CA ILE A 93 3.03 22.16 -26.71
C ILE A 93 2.52 22.61 -25.35
N PHE A 94 1.24 22.98 -25.28
CA PHE A 94 0.59 23.01 -23.98
C PHE A 94 -0.56 22.00 -23.93
N ALA A 95 -0.59 21.31 -22.81
CA ALA A 95 -1.62 20.30 -22.52
C ALA A 95 -2.42 20.81 -21.34
N ASN A 96 -3.67 21.11 -21.64
CA ASN A 96 -4.64 21.58 -20.65
C ASN A 96 -5.44 20.38 -20.13
N VAL A 97 -5.05 19.92 -18.96
CA VAL A 97 -5.64 18.72 -18.34
C VAL A 97 -6.73 19.18 -17.37
N GLY A 98 -7.89 19.38 -17.94
CA GLY A 98 -9.08 19.85 -17.21
C GLY A 98 -9.98 18.66 -16.91
N THR A 99 -11.29 18.88 -16.96
CA THR A 99 -12.27 17.78 -16.93
C THR A 99 -11.91 16.78 -18.04
N GLY A 100 -11.72 17.33 -19.24
CA GLY A 100 -11.04 16.62 -20.33
C GLY A 100 -9.73 17.33 -20.70
N THR A 101 -9.01 16.74 -21.65
CA THR A 101 -7.69 17.20 -22.01
C THR A 101 -7.66 17.72 -23.45
N SER A 102 -7.19 18.95 -23.56
CA SER A 102 -7.00 19.64 -24.84
C SER A 102 -5.50 19.93 -25.07
N LEU A 103 -5.02 19.60 -26.25
CA LEU A 103 -3.61 19.76 -26.62
C LEU A 103 -3.44 20.84 -27.68
N HIS A 104 -2.43 21.67 -27.46
CA HIS A 104 -2.18 22.85 -28.29
C HIS A 104 -0.72 22.99 -28.65
N TYR A 105 -0.48 23.45 -29.88
CA TYR A 105 0.87 23.84 -30.30
C TYR A 105 0.91 25.39 -30.36
N PHE A 106 1.80 25.96 -29.58
CA PHE A 106 2.05 27.39 -29.57
C PHE A 106 3.36 27.65 -30.30
N ASP A 107 3.27 28.36 -31.42
CA ASP A 107 4.44 28.55 -32.33
C ASP A 107 5.33 29.76 -32.04
N GLY A 108 5.06 30.43 -30.92
CA GLY A 108 5.69 31.72 -30.57
C GLY A 108 4.74 32.91 -30.77
N GLN A 109 3.76 32.72 -31.63
CA GLN A 109 2.83 33.75 -32.11
C GLN A 109 1.38 33.45 -31.69
N SER A 110 0.91 32.26 -32.02
CA SER A 110 -0.47 31.88 -31.71
C SER A 110 -0.58 30.39 -31.38
N GLN A 111 -1.70 30.03 -30.81
CA GLN A 111 -1.99 28.62 -30.53
C GLN A 111 -2.80 28.00 -31.65
N ARG A 112 -2.58 26.70 -31.84
CA ARG A 112 -3.44 25.85 -32.65
C ARG A 112 -3.77 24.60 -31.84
N ARG A 113 -5.03 24.20 -31.82
CA ARG A 113 -5.44 22.95 -31.16
C ARG A 113 -5.02 21.80 -32.07
N VAL A 114 -4.18 20.94 -31.55
CA VAL A 114 -3.59 19.82 -32.32
C VAL A 114 -4.06 18.45 -31.86
N GLY A 115 -4.88 18.45 -30.81
CA GLY A 115 -5.47 17.23 -30.32
C GLY A 115 -6.22 17.37 -29.02
N GLY A 116 -6.82 16.26 -28.64
CA GLY A 116 -7.56 16.22 -27.41
C GLY A 116 -7.93 14.79 -27.09
N ILE A 117 -8.31 14.59 -25.86
CA ILE A 117 -8.65 13.24 -25.38
C ILE A 117 -9.48 13.34 -24.11
N GLY A 118 -10.37 12.37 -23.94
CA GLY A 118 -11.24 12.33 -22.75
C GLY A 118 -10.59 11.82 -21.48
N THR A 119 -9.29 11.51 -21.52
CA THR A 119 -8.54 11.15 -20.32
C THR A 119 -7.98 12.40 -19.63
N GLY A 120 -8.58 12.73 -18.51
CA GLY A 120 -8.22 13.91 -17.73
C GLY A 120 -8.78 13.83 -16.30
N GLY A 121 -9.01 14.98 -15.69
CA GLY A 121 -9.46 15.08 -14.32
C GLY A 121 -10.82 14.46 -14.09
N GLY A 122 -11.69 14.60 -15.08
CA GLY A 122 -13.04 14.02 -15.07
C GLY A 122 -13.01 12.51 -14.92
N MET A 123 -12.10 11.88 -15.64
CA MET A 123 -11.89 10.44 -15.55
C MET A 123 -11.30 10.03 -14.21
N ILE A 124 -10.37 10.81 -13.70
CA ILE A 124 -9.80 10.56 -12.39
C ILE A 124 -10.92 10.50 -11.33
N GLN A 125 -11.78 11.49 -11.34
CA GLN A 125 -12.92 11.56 -10.40
C GLN A 125 -13.96 10.47 -10.62
N GLY A 126 -14.36 10.30 -11.88
CA GLY A 126 -15.46 9.40 -12.22
C GLY A 126 -15.09 7.94 -12.07
N LEU A 127 -14.02 7.55 -12.74
CA LEU A 127 -13.54 6.18 -12.66
C LEU A 127 -13.05 5.91 -11.26
N GLY A 128 -12.45 6.93 -10.64
CA GLY A 128 -12.04 6.86 -9.23
C GLY A 128 -13.22 6.48 -8.34
N TYR A 129 -14.31 7.20 -8.49
CA TYR A 129 -15.56 6.89 -7.79
C TYR A 129 -16.06 5.46 -8.03
N LEU A 130 -16.10 5.02 -9.29
CA LEU A 130 -16.57 3.66 -9.60
C LEU A 130 -15.72 2.60 -8.93
N LEU A 131 -14.43 2.86 -8.75
CA LEU A 131 -13.52 1.87 -8.17
C LEU A 131 -13.34 1.97 -6.64
N SER A 132 -13.78 3.07 -6.07
CA SER A 132 -13.52 3.38 -4.63
C SER A 132 -14.68 3.90 -3.81
N GLN A 133 -15.76 4.29 -4.49
CA GLN A 133 -16.94 4.98 -3.89
C GLN A 133 -16.62 6.36 -3.22
N ILE A 134 -15.41 6.88 -3.44
CA ILE A 134 -15.01 8.20 -2.92
C ILE A 134 -15.44 9.31 -3.90
N THR A 135 -16.22 10.24 -3.39
CA THR A 135 -16.67 11.41 -4.15
C THR A 135 -15.87 12.67 -3.81
N ASP A 136 -15.28 12.71 -2.61
CA ASP A 136 -14.53 13.87 -2.18
C ASP A 136 -13.16 13.91 -2.86
N TYR A 137 -12.91 14.99 -3.61
CA TYR A 137 -11.68 15.10 -4.42
C TYR A 137 -10.39 14.98 -3.61
N LYS A 138 -10.31 15.74 -2.54
CA LYS A 138 -9.11 15.71 -1.68
C LYS A 138 -8.86 14.32 -1.10
N GLN A 139 -9.93 13.70 -0.61
CA GLN A 139 -9.88 12.33 -0.11
C GLN A 139 -9.42 11.34 -1.19
N LEU A 140 -10.01 11.48 -2.38
CA LEU A 140 -9.70 10.62 -3.53
C LEU A 140 -8.22 10.69 -3.88
N THR A 141 -7.74 11.91 -4.12
CA THR A 141 -6.33 12.15 -4.53
C THR A 141 -5.33 11.82 -3.42
N ASP A 142 -5.66 12.18 -2.18
CA ASP A 142 -4.79 11.82 -1.04
C ASP A 142 -4.58 10.32 -0.94
N MET A 143 -5.66 9.58 -1.01
CA MET A 143 -5.60 8.10 -1.01
C MET A 143 -4.69 7.53 -2.09
N ALA A 144 -4.77 8.12 -3.27
CA ALA A 144 -4.07 7.56 -4.44
C ALA A 144 -2.57 7.71 -4.31
N GLN A 145 -2.13 8.72 -3.54
CA GLN A 145 -0.71 9.04 -3.41
C GLN A 145 -0.07 7.85 -2.68
N HIS A 146 -0.84 7.12 -1.87
CA HIS A 146 -0.34 5.93 -1.13
C HIS A 146 -0.39 4.56 -1.85
N GLY A 147 -0.91 4.58 -3.07
CA GLY A 147 -1.08 3.40 -3.89
C GLY A 147 0.15 2.84 -4.58
N ASP A 148 0.12 1.54 -4.76
CA ASP A 148 1.14 0.80 -5.48
C ASP A 148 0.48 0.21 -6.73
N ARG A 149 1.08 0.48 -7.89
CA ARG A 149 0.53 0.03 -9.20
C ARG A 149 1.05 -1.33 -9.67
N ASN A 150 2.00 -1.90 -8.92
CA ASN A 150 2.74 -3.11 -9.34
C ASN A 150 1.87 -4.33 -9.63
N THR A 151 0.85 -4.55 -8.80
CA THR A 151 -0.07 -5.70 -9.00
C THR A 151 -1.15 -5.42 -10.08
N ILE A 152 -1.24 -4.18 -10.54
CA ILE A 152 -2.29 -3.75 -11.45
C ILE A 152 -1.77 -3.58 -12.89
N ASP A 153 -0.64 -2.92 -13.03
CA ASP A 153 -0.07 -2.62 -14.35
C ASP A 153 0.95 -3.61 -14.77
N LEU A 154 1.00 -3.85 -16.08
CA LEU A 154 1.92 -4.79 -16.71
C LEU A 154 2.97 -3.97 -17.43
N LYS A 155 4.21 -4.28 -17.14
CA LYS A 155 5.38 -3.70 -17.77
C LYS A 155 5.87 -4.52 -18.93
N VAL A 156 6.64 -3.87 -19.79
CA VAL A 156 7.25 -4.51 -20.95
C VAL A 156 8.06 -5.74 -20.52
N ARG A 157 8.83 -5.58 -19.45
CA ARG A 157 9.67 -6.68 -18.94
C ARG A 157 8.85 -7.91 -18.47
N HIS A 158 7.61 -7.70 -18.04
CA HIS A 158 6.73 -8.82 -17.67
C HIS A 158 6.30 -9.63 -18.88
N ILE A 159 6.16 -8.98 -20.02
CA ILE A 159 5.84 -9.66 -21.28
C ILE A 159 7.09 -10.35 -21.86
N TYR A 160 8.20 -9.63 -21.89
CA TYR A 160 9.46 -10.15 -22.50
C TYR A 160 10.30 -11.08 -21.57
N LYS A 161 9.99 -11.08 -20.29
CA LYS A 161 10.56 -12.04 -19.31
C LYS A 161 12.08 -11.96 -19.30
N ASP A 162 12.75 -13.03 -19.73
CA ASP A 162 14.22 -13.10 -19.69
C ASP A 162 14.85 -12.81 -21.03
N THR A 163 14.09 -12.21 -21.94
CA THR A 163 14.60 -11.84 -23.25
C THR A 163 14.68 -10.33 -23.35
N GLU A 164 15.56 -9.87 -24.23
CA GLU A 164 15.76 -8.43 -24.47
C GLU A 164 14.55 -7.83 -25.20
N PRO A 165 13.85 -6.88 -24.57
CA PRO A 165 12.70 -6.29 -25.26
C PRO A 165 13.13 -5.24 -26.28
N PRO A 166 12.28 -4.97 -27.28
CA PRO A 166 12.64 -4.00 -28.34
C PRO A 166 12.40 -2.54 -27.95
N ILE A 167 11.78 -2.34 -26.81
CA ILE A 167 11.69 -1.04 -26.14
C ILE A 167 12.00 -1.24 -24.65
N PRO A 168 12.31 -0.16 -23.90
CA PRO A 168 12.74 -0.35 -22.52
C PRO A 168 11.78 -1.16 -21.65
N GLY A 169 12.33 -2.10 -20.89
CA GLY A 169 11.55 -3.05 -20.07
C GLY A 169 10.73 -2.47 -18.94
N ASP A 170 11.14 -1.32 -18.44
CA ASP A 170 10.42 -0.68 -17.34
C ASP A 170 9.14 0.07 -17.77
N LEU A 171 8.98 0.30 -19.05
CA LEU A 171 7.77 0.96 -19.59
C LEU A 171 6.49 0.19 -19.27
N THR A 172 5.42 0.91 -19.00
CA THR A 172 4.11 0.28 -18.93
C THR A 172 3.76 -0.31 -20.31
N ALA A 173 3.52 -1.61 -20.35
CA ALA A 173 3.01 -2.30 -21.55
C ALA A 173 1.50 -2.24 -21.65
N ALA A 174 0.85 -2.38 -20.52
CA ALA A 174 -0.60 -2.43 -20.44
C ALA A 174 -1.08 -1.97 -19.07
N ASN A 175 -1.75 -0.84 -19.07
CA ASN A 175 -2.40 -0.39 -17.87
C ASN A 175 -3.49 -1.37 -17.48
N PHE A 176 -3.56 -1.70 -16.19
CA PHE A 176 -4.47 -2.74 -15.63
C PHE A 176 -4.22 -4.15 -16.18
N GLY A 177 -3.12 -4.34 -16.91
CA GLY A 177 -2.82 -5.62 -17.56
C GLY A 177 -2.28 -6.71 -16.64
N HIS A 178 -1.93 -6.35 -15.41
CA HIS A 178 -1.46 -7.35 -14.41
C HIS A 178 -2.56 -7.88 -13.50
N VAL A 179 -3.74 -7.28 -13.59
CA VAL A 179 -4.86 -7.59 -12.71
C VAL A 179 -5.18 -9.09 -12.73
N LEU A 180 -5.33 -9.64 -13.94
CA LEU A 180 -5.67 -11.07 -14.10
C LEU A 180 -4.57 -12.04 -13.64
N HIS A 181 -3.35 -11.55 -13.52
CA HIS A 181 -2.23 -12.30 -12.94
C HIS A 181 -2.09 -12.20 -11.41
N HIS A 182 -2.99 -11.46 -10.77
CA HIS A 182 -2.93 -11.17 -9.33
C HIS A 182 -4.31 -11.27 -8.71
N LEU A 183 -5.11 -12.22 -9.17
CA LEU A 183 -6.51 -12.36 -8.69
C LEU A 183 -6.66 -12.72 -7.21
N ASP A 184 -5.63 -13.35 -6.64
CA ASP A 184 -5.56 -13.51 -5.17
C ASP A 184 -5.12 -12.20 -4.50
N ALA A 185 -4.27 -11.47 -5.21
CA ALA A 185 -3.67 -10.24 -4.72
C ALA A 185 -4.72 -9.17 -4.66
N ASP A 186 -4.49 -8.23 -3.76
CA ASP A 186 -5.50 -7.24 -3.55
C ASP A 186 -5.37 -5.86 -4.08
N PHE A 187 -6.54 -5.51 -4.57
CA PHE A 187 -6.81 -4.30 -5.27
C PHE A 187 -7.49 -3.39 -4.30
N THR A 188 -6.62 -2.80 -3.50
CA THR A 188 -7.04 -1.85 -2.48
C THR A 188 -7.49 -0.58 -3.20
N PRO A 189 -8.37 0.20 -2.56
CA PRO A 189 -8.73 1.51 -3.11
C PRO A 189 -7.55 2.41 -3.49
N SER A 190 -6.53 2.45 -2.65
CA SER A 190 -5.33 3.29 -2.97
C SER A 190 -4.64 2.82 -4.25
N ASN A 191 -4.48 1.50 -4.34
CA ASN A 191 -3.74 0.90 -5.48
C ASN A 191 -4.50 1.13 -6.79
N LYS A 192 -5.81 0.92 -6.72
CA LYS A 192 -6.69 1.10 -7.87
C LYS A 192 -6.66 2.56 -8.33
N LEU A 193 -6.73 3.49 -7.37
CA LEU A 193 -6.73 4.93 -7.68
C LEU A 193 -5.41 5.40 -8.28
N ALA A 194 -4.33 4.84 -7.78
CA ALA A 194 -2.99 5.14 -8.34
C ALA A 194 -2.90 4.72 -9.81
N ALA A 195 -3.48 3.58 -10.13
CA ALA A 195 -3.51 3.05 -11.49
C ALA A 195 -4.37 3.89 -12.43
N VAL A 196 -5.46 4.44 -11.90
CA VAL A 196 -6.33 5.34 -12.64
C VAL A 196 -5.53 6.60 -13.00
N ILE A 197 -4.89 7.17 -12.01
CA ILE A 197 -3.99 8.33 -12.22
C ILE A 197 -2.86 7.99 -13.19
N GLY A 198 -2.33 6.80 -13.04
CA GLY A 198 -1.27 6.31 -13.92
C GLY A 198 -1.68 6.31 -15.40
N VAL A 199 -2.83 5.70 -15.69
CA VAL A 199 -3.29 5.63 -17.09
C VAL A 199 -3.56 7.02 -17.66
N VAL A 200 -4.20 7.88 -16.88
CA VAL A 200 -4.53 9.24 -17.32
C VAL A 200 -3.26 10.03 -17.62
N GLY A 201 -2.29 9.94 -16.72
CA GLY A 201 -1.00 10.59 -16.90
C GLY A 201 -0.22 10.12 -18.12
N GLU A 202 -0.18 8.80 -18.27
CA GLU A 202 0.55 8.20 -19.38
C GLU A 202 -0.07 8.55 -20.74
N VAL A 203 -1.39 8.58 -20.79
CA VAL A 203 -2.09 8.87 -22.04
C VAL A 203 -1.86 10.32 -22.44
N VAL A 204 -2.07 11.22 -21.48
CA VAL A 204 -1.88 12.65 -21.72
C VAL A 204 -0.45 12.88 -22.22
N THR A 205 0.50 12.29 -21.54
CA THR A 205 1.93 12.50 -21.83
C THR A 205 2.29 11.95 -23.20
N THR A 206 1.81 10.74 -23.46
CA THR A 206 2.00 10.12 -24.77
C THR A 206 1.49 11.01 -25.91
N MET A 207 0.28 11.54 -25.75
CA MET A 207 -0.29 12.42 -26.75
C MET A 207 0.57 13.70 -26.90
N ALA A 208 0.96 14.27 -25.77
CA ALA A 208 1.76 15.51 -25.73
C ALA A 208 3.13 15.33 -26.42
N ILE A 209 3.82 14.24 -26.10
CA ILE A 209 5.13 13.97 -26.73
C ILE A 209 5.00 13.72 -28.24
N THR A 210 3.89 13.13 -28.66
CA THR A 210 3.65 12.79 -30.05
C THR A 210 3.48 14.06 -30.86
N VAL A 211 2.61 14.93 -30.39
CA VAL A 211 2.41 16.22 -31.08
C VAL A 211 3.64 17.12 -30.94
N ALA A 212 4.40 16.96 -29.86
CA ALA A 212 5.68 17.70 -29.71
C ALA A 212 6.65 17.33 -30.84
N ARG A 213 6.74 16.03 -31.11
CA ARG A 213 7.55 15.51 -32.23
C ARG A 213 7.00 16.05 -33.56
N GLU A 214 5.69 15.94 -33.75
CA GLU A 214 5.03 16.36 -34.98
C GLU A 214 5.32 17.83 -35.32
N PHE A 215 5.22 18.68 -34.32
CA PHE A 215 5.39 20.14 -34.50
C PHE A 215 6.80 20.63 -34.15
N LYS A 216 7.71 19.71 -33.91
CA LYS A 216 9.15 19.98 -33.78
C LYS A 216 9.49 20.94 -32.65
N THR A 217 8.94 20.65 -31.47
CA THR A 217 9.27 21.35 -30.25
C THR A 217 9.61 20.33 -29.16
N GLU A 218 10.54 20.69 -28.30
CA GLU A 218 10.91 19.85 -27.16
C GLU A 218 10.23 20.26 -25.87
N ASN A 219 9.50 21.37 -25.92
CA ASN A 219 8.90 21.94 -24.70
C ASN A 219 7.44 21.55 -24.57
N ILE A 220 7.07 21.05 -23.41
CA ILE A 220 5.70 20.69 -23.12
C ILE A 220 5.30 21.31 -21.79
N VAL A 221 4.32 22.21 -21.87
CA VAL A 221 3.79 22.89 -20.71
C VAL A 221 2.48 22.26 -20.31
N TYR A 222 2.40 21.82 -19.06
CA TYR A 222 1.20 21.18 -18.52
C TYR A 222 0.46 22.13 -17.60
N ILE A 223 -0.82 22.34 -17.90
CA ILE A 223 -1.70 23.15 -17.06
C ILE A 223 -2.99 22.36 -16.76
N GLY A 224 -3.81 22.94 -15.89
CA GLY A 224 -5.13 22.41 -15.54
C GLY A 224 -5.18 22.11 -14.09
N SER A 225 -6.39 22.16 -13.51
CA SER A 225 -6.55 21.92 -12.09
C SER A 225 -6.37 20.43 -11.71
N SER A 226 -6.29 19.53 -12.69
CA SER A 226 -6.07 18.10 -12.44
C SER A 226 -4.75 17.83 -11.72
N PHE A 227 -3.81 18.76 -11.82
CA PHE A 227 -2.55 18.69 -11.13
C PHE A 227 -2.58 19.18 -9.66
N HIS A 228 -3.65 19.82 -9.24
CA HIS A 228 -3.78 20.25 -7.83
C HIS A 228 -4.01 19.08 -6.86
N ASN A 229 -3.21 19.08 -5.79
CA ASN A 229 -3.28 18.02 -4.76
C ASN A 229 -3.08 16.61 -5.35
N ASN A 230 -2.23 16.52 -6.37
CA ASN A 230 -1.96 15.27 -7.03
C ASN A 230 -0.51 15.20 -7.50
N ALA A 231 0.36 15.02 -6.53
CA ALA A 231 1.79 14.86 -6.77
C ALA A 231 2.06 13.66 -7.67
N LEU A 232 1.28 12.59 -7.48
CA LEU A 232 1.46 11.39 -8.30
C LEU A 232 1.25 11.67 -9.79
N LEU A 233 0.19 12.39 -10.10
CA LEU A 233 -0.08 12.78 -11.51
C LEU A 233 1.06 13.63 -12.09
N ARG A 234 1.50 14.61 -11.32
CA ARG A 234 2.66 15.46 -11.73
C ARG A 234 3.89 14.63 -12.00
N LYS A 235 4.15 13.67 -11.11
CA LYS A 235 5.32 12.78 -11.25
C LYS A 235 5.24 11.85 -12.47
N VAL A 236 4.09 11.22 -12.64
CA VAL A 236 3.88 10.31 -13.78
C VAL A 236 4.18 11.07 -15.08
N VAL A 237 3.57 12.24 -15.19
CA VAL A 237 3.68 13.08 -16.37
C VAL A 237 5.13 13.57 -16.58
N GLU A 238 5.69 14.12 -15.50
CA GLU A 238 7.07 14.68 -15.56
C GLU A 238 8.12 13.63 -15.94
N ASP A 239 8.08 12.50 -15.27
CA ASP A 239 9.06 11.43 -15.50
C ASP A 239 9.00 10.91 -16.92
N TYR A 240 7.79 10.66 -17.42
CA TYR A 240 7.64 10.09 -18.76
C TYR A 240 7.98 11.12 -19.86
N THR A 241 7.63 12.38 -19.62
CA THR A 241 8.02 13.46 -20.58
C THR A 241 9.55 13.51 -20.74
N VAL A 242 10.24 13.48 -19.61
CA VAL A 242 11.73 13.46 -19.57
C VAL A 242 12.29 12.21 -20.25
N LEU A 243 11.73 11.04 -19.91
CA LEU A 243 12.09 9.77 -20.56
C LEU A 243 12.00 9.79 -22.08
N ARG A 244 11.02 10.52 -22.59
CA ARG A 244 10.83 10.68 -24.04
C ARG A 244 11.62 11.81 -24.67
N GLY A 245 12.52 12.39 -23.91
CA GLY A 245 13.44 13.43 -24.43
C GLY A 245 12.81 14.80 -24.62
N CYS A 246 11.76 15.09 -23.85
CA CYS A 246 11.12 16.40 -23.86
C CYS A 246 11.30 17.07 -22.51
N LYS A 247 11.03 18.37 -22.48
CA LYS A 247 11.13 19.17 -21.25
C LYS A 247 9.75 19.57 -20.73
N PRO A 248 9.34 19.02 -19.56
CA PRO A 248 8.06 19.35 -18.98
C PRO A 248 8.15 20.60 -18.12
N TYR A 249 7.10 21.38 -18.16
CA TYR A 249 6.99 22.58 -17.35
C TYR A 249 5.62 22.62 -16.69
N TYR A 250 5.63 22.88 -15.40
CA TYR A 250 4.46 23.27 -14.66
C TYR A 250 4.59 24.75 -14.32
N VAL A 251 3.46 25.39 -14.09
CA VAL A 251 3.37 26.83 -14.00
C VAL A 251 2.59 27.18 -12.75
N GLU A 252 3.09 28.10 -11.94
CA GLU A 252 2.36 28.58 -10.76
C GLU A 252 1.09 29.23 -11.24
N ASN A 253 -0.02 28.80 -10.68
CA ASN A 253 -1.36 29.22 -11.11
C ASN A 253 -1.71 28.94 -12.58
N GLY A 254 -1.04 27.94 -13.15
CA GLY A 254 -1.32 27.48 -14.52
C GLY A 254 -2.79 27.18 -14.78
N ALA A 255 -3.48 26.65 -13.75
CA ALA A 255 -4.94 26.37 -13.85
C ALA A 255 -5.81 27.58 -14.11
N PHE A 256 -5.26 28.77 -13.84
CA PHE A 256 -5.91 30.06 -14.06
C PHE A 256 -5.53 30.76 -15.39
N SER A 257 -4.80 30.06 -16.25
CA SER A 257 -4.37 30.57 -17.53
C SER A 257 -5.54 31.16 -18.34
N GLY A 258 -6.62 30.41 -18.46
CA GLY A 258 -7.82 30.86 -19.15
C GLY A 258 -8.45 32.12 -18.58
N ALA A 259 -8.58 32.13 -17.25
CA ALA A 259 -9.17 33.26 -16.52
C ALA A 259 -8.33 34.54 -16.68
N ILE A 260 -7.03 34.41 -16.50
CA ILE A 260 -6.10 35.53 -16.76
C ILE A 260 -6.18 35.97 -18.22
N GLY A 261 -6.14 34.99 -19.11
CA GLY A 261 -6.15 35.25 -20.55
C GLY A 261 -7.35 36.05 -21.01
N ALA A 262 -8.51 35.69 -20.45
CA ALA A 262 -9.77 36.37 -20.77
C ALA A 262 -9.67 37.88 -20.47
N LEU A 263 -9.04 38.22 -19.36
CA LEU A 263 -8.80 39.64 -18.99
C LEU A 263 -7.91 40.40 -19.96
N TYR A 264 -6.98 39.70 -20.57
CA TYR A 264 -6.00 40.34 -21.44
C TYR A 264 -6.22 40.21 -22.93
N LEU A 265 -7.30 39.57 -23.33
CA LEU A 265 -7.63 39.47 -24.76
C LEU A 265 -8.39 40.68 -25.26
N GLU A 266 -8.25 40.94 -26.56
CA GLU A 266 -8.95 42.03 -27.28
C GLU A 266 -9.96 41.49 -28.28
N MET B 1 6.24 -29.57 -42.65
CA MET B 1 5.48 -28.45 -42.01
C MET B 1 6.38 -27.31 -41.57
N LYS B 2 5.97 -26.09 -41.91
CA LYS B 2 6.59 -24.84 -41.44
C LYS B 2 5.65 -24.17 -40.43
N VAL B 3 6.23 -23.65 -39.36
CA VAL B 3 5.46 -23.07 -38.25
C VAL B 3 5.97 -21.70 -37.86
N GLY B 4 5.04 -20.75 -37.76
CA GLY B 4 5.31 -19.41 -37.24
C GLY B 4 4.48 -19.21 -35.99
N ILE B 5 5.13 -18.71 -34.95
CA ILE B 5 4.49 -18.45 -33.66
C ILE B 5 4.75 -17.02 -33.19
N ASP B 6 3.67 -16.34 -32.83
CA ASP B 6 3.71 -15.05 -32.16
C ASP B 6 3.21 -15.27 -30.74
N ALA B 7 4.14 -15.36 -29.80
CA ALA B 7 3.82 -15.63 -28.41
C ALA B 7 3.80 -14.33 -27.64
N GLY B 8 2.60 -13.76 -27.54
CA GLY B 8 2.43 -12.45 -26.94
C GLY B 8 2.15 -12.52 -25.45
N GLY B 9 1.88 -11.37 -24.88
CA GLY B 9 1.57 -11.26 -23.45
C GLY B 9 0.34 -12.02 -22.98
N THR B 10 -0.65 -12.16 -23.86
CA THR B 10 -1.93 -12.83 -23.51
C THR B 10 -2.24 -14.05 -24.37
N LEU B 11 -2.03 -13.95 -25.67
CA LEU B 11 -2.31 -15.04 -26.62
C LEU B 11 -1.09 -15.42 -27.42
N ILE B 12 -1.03 -16.72 -27.69
CA ILE B 12 -0.06 -17.31 -28.59
C ILE B 12 -0.79 -17.62 -29.89
N LYS B 13 -0.31 -17.01 -30.97
CA LYS B 13 -0.87 -17.21 -32.31
C LYS B 13 0.07 -18.14 -33.07
N ILE B 14 -0.49 -19.20 -33.62
CA ILE B 14 0.27 -20.20 -34.36
C ILE B 14 -0.27 -20.30 -35.78
N VAL B 15 0.62 -20.15 -36.73
CA VAL B 15 0.36 -20.42 -38.14
C VAL B 15 1.19 -21.64 -38.58
N GLN B 16 0.49 -22.66 -39.09
CA GLN B 16 1.12 -23.84 -39.72
C GLN B 16 0.92 -23.80 -41.22
N GLU B 17 2.01 -24.03 -41.94
CA GLU B 17 2.01 -24.09 -43.39
C GLU B 17 2.47 -25.46 -43.86
N GLN B 18 1.67 -26.04 -44.73
CA GLN B 18 1.90 -27.36 -45.31
C GLN B 18 1.24 -27.33 -46.68
N ASP B 19 2.03 -27.16 -47.74
CA ASP B 19 1.60 -26.88 -49.16
C ASP B 19 1.58 -25.36 -49.41
N GLN B 21 -1.47 -25.32 -47.86
CA GLN B 21 -2.52 -25.13 -46.86
C GLN B 21 -2.01 -24.39 -45.60
N ARG B 22 -2.67 -23.30 -45.27
CA ARG B 22 -2.37 -22.50 -44.08
C ARG B 22 -3.41 -22.70 -42.98
N THR B 23 -2.96 -22.99 -41.75
CA THR B 23 -3.85 -23.20 -40.58
C THR B 23 -3.52 -22.20 -39.49
N PHE B 24 -4.57 -21.73 -38.82
CA PHE B 24 -4.46 -20.69 -37.79
C PHE B 24 -4.96 -21.23 -36.47
N LYS B 25 -4.14 -21.14 -35.44
CA LYS B 25 -4.53 -21.58 -34.11
C LYS B 25 -4.13 -20.58 -33.01
N THR B 26 -5.05 -20.39 -32.09
CA THR B 26 -4.85 -19.53 -30.93
C THR B 26 -4.80 -20.38 -29.68
N GLU B 27 -3.85 -20.06 -28.82
CA GLU B 27 -3.81 -20.59 -27.46
C GLU B 27 -3.51 -19.52 -26.44
N LEU B 28 -3.96 -19.74 -25.21
CA LEU B 28 -3.67 -18.80 -24.14
C LEU B 28 -2.19 -18.85 -23.79
N THR B 29 -1.61 -17.69 -23.56
CA THR B 29 -0.22 -17.59 -23.12
C THR B 29 -0.03 -18.31 -21.77
N LYS B 30 -1.04 -18.24 -20.92
CA LYS B 30 -1.05 -19.03 -19.67
C LYS B 30 -0.82 -20.54 -19.91
N ASN B 31 -1.26 -21.06 -21.05
CA ASN B 31 -1.05 -22.49 -21.45
C ASN B 31 0.14 -22.72 -22.37
N ILE B 32 1.14 -21.86 -22.24
CA ILE B 32 2.37 -21.95 -23.06
C ILE B 32 3.01 -23.35 -23.00
N ASP B 33 2.97 -23.98 -21.82
CA ASP B 33 3.48 -25.36 -21.63
C ASP B 33 2.88 -26.38 -22.61
N GLN B 34 1.59 -26.24 -22.90
CA GLN B 34 0.92 -27.09 -23.89
C GLN B 34 1.38 -26.84 -25.33
N VAL B 35 1.67 -25.59 -25.64
CA VAL B 35 2.23 -25.24 -26.97
C VAL B 35 3.60 -25.90 -27.12
N VAL B 36 4.37 -25.82 -26.05
CA VAL B 36 5.72 -26.39 -26.02
C VAL B 36 5.65 -27.91 -26.23
N GLU B 37 4.76 -28.57 -25.50
CA GLU B 37 4.54 -30.02 -25.62
C GLU B 37 4.20 -30.43 -27.06
N TRP B 38 3.28 -29.68 -27.63
CA TRP B 38 2.82 -29.89 -29.00
C TRP B 38 3.96 -29.78 -30.01
N LEU B 39 4.75 -28.72 -29.88
CA LEU B 39 5.92 -28.49 -30.74
C LEU B 39 6.96 -29.59 -30.64
N ASN B 40 7.22 -30.05 -29.43
CA ASN B 40 8.23 -31.11 -29.18
C ASN B 40 7.95 -32.46 -29.81
N GLN B 41 6.68 -32.72 -30.08
CA GLN B 41 6.25 -33.92 -30.80
C GLN B 41 6.41 -33.82 -32.31
N GLN B 42 6.43 -32.62 -32.84
CA GLN B 42 6.26 -32.39 -34.27
C GLN B 42 7.58 -32.47 -35.00
N GLN B 43 7.51 -32.90 -36.26
CA GLN B 43 8.60 -32.79 -37.19
C GLN B 43 8.39 -31.48 -37.96
N ILE B 44 9.20 -30.50 -37.61
CA ILE B 44 9.04 -29.17 -38.16
C ILE B 44 10.23 -28.90 -39.04
N GLU B 45 9.99 -28.50 -40.25
CA GLU B 45 11.06 -28.17 -41.14
C GLU B 45 11.59 -26.77 -40.89
N LYS B 46 10.73 -25.87 -40.49
CA LYS B 46 11.13 -24.50 -40.23
C LYS B 46 10.27 -23.96 -39.12
N LEU B 47 10.90 -23.47 -38.08
CA LEU B 47 10.17 -22.93 -36.95
C LEU B 47 10.66 -21.55 -36.65
N CYS B 48 9.75 -20.58 -36.69
CA CYS B 48 10.06 -19.18 -36.45
C CYS B 48 9.21 -18.61 -35.34
N LEU B 49 9.83 -17.85 -34.48
CA LEU B 49 9.15 -17.28 -33.36
C LEU B 49 9.30 -15.77 -33.23
N THR B 50 8.32 -15.16 -32.61
CA THR B 50 8.33 -13.74 -32.29
C THR B 50 7.44 -13.49 -31.10
N GLY B 51 7.50 -12.27 -30.60
CA GLY B 51 6.71 -11.85 -29.46
C GLY B 51 7.44 -11.98 -28.13
N GLY B 52 6.87 -11.38 -27.10
CA GLY B 52 7.52 -11.34 -25.76
C GLY B 52 7.86 -12.69 -25.13
N ASN B 53 7.01 -13.69 -25.37
CA ASN B 53 7.18 -15.04 -24.83
C ASN B 53 7.85 -16.02 -25.76
N ALA B 54 8.44 -15.52 -26.84
CA ALA B 54 9.18 -16.36 -27.79
C ALA B 54 10.32 -17.11 -27.08
N GLY B 55 11.01 -16.42 -26.18
CA GLY B 55 12.12 -16.98 -25.37
C GLY B 55 11.74 -18.14 -24.47
N VAL B 56 10.59 -18.04 -23.82
CA VAL B 56 10.04 -19.14 -23.02
C VAL B 56 9.83 -20.40 -23.90
N ILE B 57 9.30 -20.22 -25.11
CA ILE B 57 9.12 -21.32 -26.06
C ILE B 57 10.50 -21.87 -26.47
N ALA B 58 11.37 -20.98 -26.90
CA ALA B 58 12.69 -21.39 -27.43
C ALA B 58 13.53 -22.18 -26.38
N GLU B 59 13.46 -21.75 -25.12
CA GLU B 59 14.22 -22.37 -24.00
C GLU B 59 13.62 -23.68 -23.44
N ASN B 60 12.40 -24.02 -23.85
CA ASN B 60 11.73 -25.26 -23.42
C ASN B 60 11.44 -26.25 -24.54
N ILE B 61 11.84 -25.91 -25.75
CA ILE B 61 11.71 -26.84 -26.85
C ILE B 61 13.02 -27.56 -27.07
N ASN B 62 12.89 -28.70 -27.69
CA ASN B 62 14.05 -29.54 -27.91
C ASN B 62 14.51 -29.52 -29.38
N ILE B 63 14.12 -28.48 -30.16
CA ILE B 63 14.64 -28.20 -31.53
C ILE B 63 15.12 -26.73 -31.68
N PRO B 64 15.93 -26.43 -32.72
CA PRO B 64 16.25 -25.02 -32.99
C PRO B 64 15.02 -24.19 -33.44
N ALA B 65 15.15 -22.88 -33.35
CA ALA B 65 14.14 -21.91 -33.82
C ALA B 65 14.73 -20.54 -34.10
N GLN B 66 14.32 -19.93 -35.21
CA GLN B 66 14.69 -18.52 -35.49
C GLN B 66 13.76 -17.60 -34.73
N ILE B 67 14.34 -16.55 -34.17
CA ILE B 67 13.57 -15.53 -33.43
C ILE B 67 13.67 -14.21 -34.18
N PHE B 68 12.53 -13.55 -34.34
CA PHE B 68 12.42 -12.26 -35.04
C PHE B 68 11.74 -11.24 -34.16
N VAL B 69 12.03 -9.97 -34.43
CA VAL B 69 11.49 -8.85 -33.63
C VAL B 69 10.01 -8.65 -34.10
N GLU B 70 9.09 -8.57 -33.12
CA GLU B 70 7.65 -8.55 -33.41
C GLU B 70 7.18 -7.42 -34.33
N PHE B 71 7.85 -6.28 -34.29
CA PHE B 71 7.45 -5.13 -35.09
C PHE B 71 7.66 -5.36 -36.59
N ASP B 72 8.82 -5.89 -36.91
CA ASP B 72 9.12 -6.28 -38.28
C ASP B 72 8.26 -7.46 -38.73
N ALA B 73 8.11 -8.46 -37.86
CA ALA B 73 7.26 -9.62 -38.16
C ALA B 73 5.80 -9.19 -38.44
N ALA B 74 5.24 -8.41 -37.55
CA ALA B 74 3.87 -7.89 -37.73
C ALA B 74 3.70 -7.15 -39.07
N SER B 75 4.63 -6.27 -39.37
CA SER B 75 4.62 -5.53 -40.65
C SER B 75 4.65 -6.45 -41.87
N GLN B 76 5.52 -7.43 -41.83
CA GLN B 76 5.70 -8.36 -42.95
C GLN B 76 4.42 -9.17 -43.20
N GLY B 77 3.88 -9.73 -42.13
CA GLY B 77 2.67 -10.56 -42.22
C GLY B 77 1.44 -9.74 -42.63
N LEU B 78 1.35 -8.53 -42.10
CA LEU B 78 0.22 -7.64 -42.43
C LEU B 78 0.20 -7.26 -43.90
N GLY B 79 1.38 -6.96 -44.43
CA GLY B 79 1.52 -6.71 -45.87
C GLY B 79 1.04 -7.87 -46.72
N ILE B 80 1.37 -9.07 -46.30
CA ILE B 80 0.95 -10.30 -46.99
C ILE B 80 -0.58 -10.41 -46.97
N LEU B 81 -1.16 -10.23 -45.80
CA LEU B 81 -2.62 -10.35 -45.63
C LEU B 81 -3.39 -9.31 -46.42
N LEU B 82 -2.89 -8.08 -46.38
CA LEU B 82 -3.52 -6.97 -47.12
C LEU B 82 -3.63 -7.30 -48.61
N LYS B 83 -2.54 -7.79 -49.18
CA LYS B 83 -2.52 -8.18 -50.61
C LYS B 83 -3.44 -9.35 -50.93
N GLU B 84 -3.41 -10.38 -50.08
CA GLU B 84 -4.32 -11.53 -50.22
C GLU B 84 -5.81 -11.11 -50.21
N GLN B 85 -6.10 -10.07 -49.43
CA GLN B 85 -7.48 -9.54 -49.26
C GLN B 85 -7.81 -8.33 -50.13
N GLY B 86 -7.00 -8.12 -51.15
CA GLY B 86 -7.34 -7.19 -52.25
C GLY B 86 -7.08 -5.73 -51.99
N HIS B 87 -6.30 -5.42 -50.96
CA HIS B 87 -5.95 -4.03 -50.66
C HIS B 87 -4.63 -3.72 -51.31
N ASP B 88 -4.57 -2.58 -51.97
CA ASP B 88 -3.31 -2.02 -52.47
C ASP B 88 -3.12 -0.65 -51.84
N LEU B 89 -2.49 -0.63 -50.67
CA LEU B 89 -2.29 0.61 -49.94
C LEU B 89 -0.85 1.06 -50.16
N ALA B 90 -0.67 2.28 -50.64
CA ALA B 90 0.69 2.83 -50.87
C ALA B 90 1.44 3.03 -49.55
N ASP B 91 0.69 3.44 -48.53
CA ASP B 91 1.24 3.62 -47.17
C ASP B 91 0.13 3.59 -46.15
N TYR B 92 0.51 3.45 -44.88
CA TYR B 92 -0.48 3.39 -43.81
C TYR B 92 0.14 3.42 -42.44
N ILE B 93 -0.67 3.89 -41.49
CA ILE B 93 -0.45 3.59 -40.07
C ILE B 93 -1.01 2.19 -39.84
N PHE B 94 -0.27 1.38 -39.09
CA PHE B 94 -0.90 0.22 -38.43
C PHE B 94 -0.81 0.31 -36.93
N ALA B 95 -1.95 0.00 -36.31
CA ALA B 95 -2.12 -0.01 -34.87
C ALA B 95 -2.37 -1.45 -34.46
N ASN B 96 -1.40 -1.97 -33.70
CA ASN B 96 -1.44 -3.32 -33.18
C ASN B 96 -1.97 -3.27 -31.76
N VAL B 97 -3.26 -3.56 -31.63
CA VAL B 97 -3.98 -3.48 -30.35
C VAL B 97 -3.96 -4.85 -29.73
N GLY B 98 -2.86 -5.12 -29.05
CA GLY B 98 -2.63 -6.40 -28.35
C GLY B 98 -2.93 -6.23 -26.88
N THR B 99 -2.14 -6.87 -26.03
CA THR B 99 -2.24 -6.67 -24.56
C THR B 99 -2.04 -5.19 -24.32
N GLY B 100 -1.00 -4.68 -24.95
CA GLY B 100 -0.81 -3.23 -25.14
C GLY B 100 -0.85 -2.87 -26.60
N THR B 101 -0.75 -1.58 -26.87
CA THR B 101 -0.91 -1.04 -28.20
C THR B 101 0.38 -0.42 -28.72
N SER B 102 0.80 -0.89 -29.89
CA SER B 102 1.97 -0.38 -30.62
C SER B 102 1.52 0.24 -31.96
N LEU B 103 2.03 1.43 -32.26
CA LEU B 103 1.69 2.18 -33.48
C LEU B 103 2.86 2.30 -34.44
N HIS B 104 2.58 2.09 -35.72
CA HIS B 104 3.60 2.00 -36.77
C HIS B 104 3.21 2.76 -37.98
N TYR B 105 4.19 3.39 -38.60
CA TYR B 105 4.03 3.97 -39.94
C TYR B 105 4.73 3.07 -40.95
N PHE B 106 3.96 2.57 -41.91
CA PHE B 106 4.49 1.79 -43.04
C PHE B 106 4.52 2.68 -44.29
N ASP B 107 5.72 2.90 -44.83
CA ASP B 107 5.89 3.89 -45.92
C ASP B 107 5.78 3.33 -47.34
N GLY B 108 5.39 2.07 -47.43
CA GLY B 108 5.40 1.30 -48.70
C GLY B 108 6.54 0.29 -48.77
N GLN B 109 7.57 0.52 -47.97
CA GLN B 109 8.80 -0.28 -47.95
C GLN B 109 9.08 -0.93 -46.62
N SER B 110 9.03 -0.14 -45.55
CA SER B 110 9.36 -0.65 -44.22
C SER B 110 8.53 0.03 -43.15
N GLN B 111 8.51 -0.58 -41.99
CA GLN B 111 7.79 -0.02 -40.84
C GLN B 111 8.73 0.76 -39.96
N ARG B 112 8.19 1.78 -39.32
CA ARG B 112 8.82 2.47 -38.22
C ARG B 112 7.82 2.55 -37.09
N ARG B 113 8.26 2.26 -35.87
CA ARG B 113 7.41 2.43 -34.69
C ARG B 113 7.35 3.92 -34.37
N VAL B 114 6.14 4.47 -34.37
CA VAL B 114 5.93 5.92 -34.19
C VAL B 114 5.18 6.25 -32.88
N GLY B 115 4.83 5.20 -32.15
CA GLY B 115 4.23 5.37 -30.84
C GLY B 115 3.75 4.10 -30.20
N GLY B 116 3.26 4.26 -28.99
CA GLY B 116 2.66 3.17 -28.26
C GLY B 116 1.98 3.66 -27.02
N ILE B 117 1.15 2.81 -26.47
CA ILE B 117 0.32 3.17 -25.31
C ILE B 117 -0.19 1.93 -24.62
N GLY B 118 -0.32 2.00 -23.30
CA GLY B 118 -0.81 0.88 -22.49
C GLY B 118 -2.31 0.64 -22.50
N THR B 119 -3.05 1.40 -23.33
CA THR B 119 -4.50 1.22 -23.49
C THR B 119 -4.72 0.25 -24.64
N GLY B 120 -5.15 -0.93 -24.28
CA GLY B 120 -5.37 -2.01 -25.23
C GLY B 120 -6.20 -3.12 -24.57
N GLY B 121 -5.98 -4.33 -25.06
CA GLY B 121 -6.77 -5.51 -24.63
C GLY B 121 -6.55 -5.88 -23.18
N GLY B 122 -5.32 -5.70 -22.72
CA GLY B 122 -4.94 -5.88 -21.30
C GLY B 122 -5.76 -5.03 -20.34
N MET B 123 -5.94 -3.78 -20.71
CA MET B 123 -6.79 -2.85 -19.96
C MET B 123 -8.26 -3.22 -19.98
N ILE B 124 -8.74 -3.62 -21.16
CA ILE B 124 -10.13 -4.07 -21.29
C ILE B 124 -10.39 -5.20 -20.29
N GLN B 125 -9.49 -6.18 -20.27
CA GLN B 125 -9.62 -7.29 -19.33
C GLN B 125 -9.45 -6.92 -17.86
N GLY B 126 -8.41 -6.16 -17.59
CA GLY B 126 -8.04 -5.84 -16.19
C GLY B 126 -8.98 -4.85 -15.54
N LEU B 127 -9.19 -3.72 -16.20
CA LEU B 127 -10.13 -2.72 -15.69
C LEU B 127 -11.55 -3.26 -15.75
N GLY B 128 -11.83 -4.05 -16.80
CA GLY B 128 -13.12 -4.75 -16.92
C GLY B 128 -13.42 -5.64 -15.71
N TYR B 129 -12.43 -6.43 -15.34
CA TYR B 129 -12.49 -7.22 -14.11
C TYR B 129 -12.76 -6.36 -12.87
N LEU B 130 -12.01 -5.27 -12.70
CA LEU B 130 -12.18 -4.44 -11.49
C LEU B 130 -13.56 -3.84 -11.39
N LEU B 131 -14.18 -3.60 -12.53
CA LEU B 131 -15.52 -3.00 -12.54
C LEU B 131 -16.69 -3.99 -12.60
N SER B 132 -16.41 -5.24 -12.90
CA SER B 132 -17.48 -6.25 -13.12
C SER B 132 -17.28 -7.61 -12.47
N GLN B 133 -16.07 -7.86 -11.96
CA GLN B 133 -15.64 -9.17 -11.45
C GLN B 133 -15.64 -10.33 -12.46
N ILE B 134 -15.83 -10.02 -13.74
CA ILE B 134 -15.79 -11.01 -14.82
C ILE B 134 -14.34 -11.24 -15.27
N THR B 135 -13.91 -12.49 -15.22
CA THR B 135 -12.58 -12.90 -15.70
C THR B 135 -12.63 -13.57 -17.08
N ASP B 136 -13.77 -14.13 -17.42
CA ASP B 136 -13.91 -14.85 -18.71
C ASP B 136 -14.06 -13.85 -19.86
N TYR B 137 -13.13 -13.92 -20.81
CA TYR B 137 -13.04 -12.92 -21.88
C TYR B 137 -14.30 -12.81 -22.74
N LYS B 138 -14.81 -13.95 -23.18
CA LYS B 138 -16.05 -13.96 -24.00
C LYS B 138 -17.23 -13.40 -23.22
N GLN B 139 -17.34 -13.78 -21.96
CA GLN B 139 -18.38 -13.23 -21.07
C GLN B 139 -18.24 -11.71 -20.89
N LEU B 140 -17.01 -11.26 -20.64
CA LEU B 140 -16.69 -9.83 -20.44
C LEU B 140 -17.06 -8.96 -21.64
N THR B 141 -16.54 -9.34 -22.79
CA THR B 141 -16.84 -8.64 -24.04
C THR B 141 -18.31 -8.73 -24.45
N ASP B 142 -18.90 -9.92 -24.34
CA ASP B 142 -20.36 -10.02 -24.62
C ASP B 142 -21.16 -9.06 -23.78
N MET B 143 -20.89 -9.06 -22.48
CA MET B 143 -21.60 -8.18 -21.50
C MET B 143 -21.52 -6.71 -21.84
N ALA B 144 -20.40 -6.29 -22.41
CA ALA B 144 -20.22 -4.88 -22.84
C ALA B 144 -21.04 -4.43 -24.04
N GLN B 145 -21.41 -5.38 -24.90
CA GLN B 145 -21.89 -5.02 -26.25
C GLN B 145 -23.10 -4.06 -26.33
N HIS B 146 -24.04 -4.22 -25.41
CA HIS B 146 -25.25 -3.37 -25.38
C HIS B 146 -25.30 -2.45 -24.17
N GLY B 147 -24.15 -2.19 -23.56
CA GLY B 147 -24.03 -1.16 -22.51
C GLY B 147 -24.33 0.21 -23.05
N ASP B 148 -24.79 1.09 -22.18
CA ASP B 148 -25.11 2.46 -22.51
C ASP B 148 -24.13 3.34 -21.76
N ARG B 149 -23.40 4.17 -22.50
CA ARG B 149 -22.33 5.02 -21.93
C ARG B 149 -22.82 6.37 -21.44
N ASN B 150 -24.09 6.66 -21.69
CA ASN B 150 -24.65 8.00 -21.49
C ASN B 150 -24.53 8.56 -20.07
N THR B 151 -24.77 7.72 -19.07
CA THR B 151 -24.68 8.14 -17.66
C THR B 151 -23.23 8.18 -17.16
N ILE B 152 -22.32 7.65 -17.95
CA ILE B 152 -20.91 7.51 -17.53
C ILE B 152 -20.02 8.58 -18.15
N ASP B 153 -20.13 8.75 -19.47
CA ASP B 153 -19.26 9.64 -20.23
C ASP B 153 -19.87 11.01 -20.37
N LEU B 154 -19.01 12.01 -20.36
CA LEU B 154 -19.36 13.39 -20.53
C LEU B 154 -18.95 13.81 -21.94
N LYS B 155 -19.89 14.41 -22.62
CA LYS B 155 -19.69 14.99 -23.96
C LYS B 155 -19.36 16.46 -23.87
N VAL B 156 -18.80 16.97 -24.95
CA VAL B 156 -18.51 18.42 -25.11
C VAL B 156 -19.78 19.26 -24.89
N ARG B 157 -20.89 18.82 -25.47
CA ARG B 157 -22.16 19.54 -25.32
C ARG B 157 -22.70 19.61 -23.88
N HIS B 158 -22.34 18.64 -23.05
CA HIS B 158 -22.68 18.69 -21.61
C HIS B 158 -21.93 19.78 -20.85
N ILE B 159 -20.71 20.05 -21.27
CA ILE B 159 -19.90 21.13 -20.70
C ILE B 159 -20.36 22.50 -21.22
N TYR B 160 -20.57 22.58 -22.53
CA TYR B 160 -20.95 23.85 -23.19
C TYR B 160 -22.45 24.21 -23.08
N LYS B 161 -23.27 23.23 -22.73
CA LYS B 161 -24.71 23.45 -22.39
C LYS B 161 -25.43 24.10 -23.57
N ASP B 162 -25.89 25.33 -23.39
CA ASP B 162 -26.66 26.03 -24.41
C ASP B 162 -25.83 27.04 -25.19
N THR B 163 -24.51 26.88 -25.15
CA THR B 163 -23.60 27.72 -25.93
C THR B 163 -22.89 26.89 -26.99
N GLU B 164 -22.47 27.56 -28.03
CA GLU B 164 -21.82 26.92 -29.17
C GLU B 164 -20.39 26.49 -28.77
N PRO B 165 -20.10 25.18 -28.81
CA PRO B 165 -18.76 24.77 -28.45
C PRO B 165 -17.75 24.96 -29.59
N PRO B 166 -16.47 25.10 -29.27
CA PRO B 166 -15.46 25.36 -30.30
C PRO B 166 -14.99 24.10 -31.06
N ILE B 167 -15.42 22.94 -30.57
CA ILE B 167 -15.26 21.67 -31.25
C ILE B 167 -16.61 20.94 -31.20
N PRO B 168 -16.83 19.95 -32.06
CA PRO B 168 -18.14 19.32 -32.11
C PRO B 168 -18.68 18.83 -30.77
N GLY B 169 -19.92 19.20 -30.48
CA GLY B 169 -20.59 18.90 -29.21
C GLY B 169 -20.78 17.42 -28.88
N ASP B 170 -20.85 16.59 -29.91
CA ASP B 170 -21.05 15.14 -29.70
C ASP B 170 -19.79 14.37 -29.26
N LEU B 171 -18.62 15.01 -29.38
CA LEU B 171 -17.36 14.40 -28.97
C LEU B 171 -17.37 14.07 -27.47
N THR B 172 -16.77 12.95 -27.11
CA THR B 172 -16.48 12.69 -25.70
C THR B 172 -15.51 13.77 -25.17
N ALA B 173 -15.93 14.48 -24.15
CA ALA B 173 -15.08 15.48 -23.44
C ALA B 173 -14.27 14.82 -22.36
N ALA B 174 -14.92 13.90 -21.65
CA ALA B 174 -14.31 13.22 -20.52
C ALA B 174 -14.89 11.82 -20.30
N ASN B 175 -14.08 10.82 -20.55
CA ASN B 175 -14.49 9.43 -20.27
C ASN B 175 -14.70 9.30 -18.76
N PHE B 176 -15.81 8.68 -18.38
CA PHE B 176 -16.25 8.55 -16.95
C PHE B 176 -16.59 9.89 -16.27
N GLY B 177 -16.64 10.95 -17.05
CA GLY B 177 -16.83 12.30 -16.50
C GLY B 177 -18.25 12.66 -16.14
N HIS B 178 -19.20 11.82 -16.52
CA HIS B 178 -20.63 12.00 -16.11
C HIS B 178 -21.02 11.24 -14.84
N VAL B 179 -20.14 10.39 -14.35
CA VAL B 179 -20.41 9.51 -13.20
C VAL B 179 -20.89 10.32 -11.99
N LEU B 180 -20.14 11.37 -11.64
CA LEU B 180 -20.46 12.21 -10.47
C LEU B 180 -21.76 13.01 -10.62
N HIS B 181 -22.24 13.17 -11.84
CA HIS B 181 -23.53 13.79 -12.13
C HIS B 181 -24.71 12.81 -12.14
N HIS B 182 -24.44 11.54 -11.91
CA HIS B 182 -25.45 10.46 -11.99
C HIS B 182 -25.29 9.50 -10.82
N LEU B 183 -24.99 10.03 -9.65
CA LEU B 183 -24.76 9.19 -8.45
C LEU B 183 -25.97 8.41 -7.93
N ASP B 184 -27.16 8.90 -8.24
CA ASP B 184 -28.41 8.17 -7.96
C ASP B 184 -28.63 6.98 -8.94
N ALA B 185 -27.97 7.04 -10.10
CA ALA B 185 -28.16 6.03 -11.14
C ALA B 185 -27.45 4.72 -10.81
N ASP B 186 -27.92 3.66 -11.45
CA ASP B 186 -27.32 2.34 -11.41
C ASP B 186 -26.24 2.22 -12.50
N PHE B 187 -24.99 2.06 -12.06
CA PHE B 187 -23.87 1.82 -12.97
C PHE B 187 -23.79 0.32 -13.13
N THR B 188 -24.52 -0.15 -14.13
CA THR B 188 -24.62 -1.59 -14.41
C THR B 188 -23.30 -2.12 -14.99
N PRO B 189 -23.04 -3.42 -14.83
CA PRO B 189 -21.84 -4.01 -15.45
C PRO B 189 -21.73 -3.76 -16.95
N SER B 190 -22.84 -3.87 -17.68
CA SER B 190 -22.81 -3.70 -19.15
C SER B 190 -22.43 -2.23 -19.52
N ASN B 191 -23.01 -1.27 -18.80
CA ASN B 191 -22.73 0.13 -18.99
C ASN B 191 -21.26 0.51 -18.67
N LYS B 192 -20.80 0.00 -17.55
CA LYS B 192 -19.41 0.21 -17.14
C LYS B 192 -18.43 -0.36 -18.15
N LEU B 193 -18.71 -1.57 -18.60
CA LEU B 193 -17.80 -2.25 -19.54
C LEU B 193 -17.76 -1.57 -20.92
N ALA B 194 -18.90 -1.09 -21.35
CA ALA B 194 -19.00 -0.34 -22.60
C ALA B 194 -18.13 0.94 -22.52
N ALA B 195 -18.14 1.59 -21.35
CA ALA B 195 -17.31 2.76 -21.10
C ALA B 195 -15.82 2.45 -21.10
N VAL B 196 -15.45 1.28 -20.60
CA VAL B 196 -14.07 0.81 -20.64
C VAL B 196 -13.60 0.65 -22.10
N ILE B 197 -14.41 -0.07 -22.86
CA ILE B 197 -14.16 -0.27 -24.28
C ILE B 197 -14.12 1.06 -25.01
N GLY B 198 -15.03 1.95 -24.63
CA GLY B 198 -15.07 3.29 -25.16
C GLY B 198 -13.77 4.07 -24.99
N VAL B 199 -13.25 4.11 -23.77
CA VAL B 199 -12.00 4.85 -23.50
C VAL B 199 -10.79 4.24 -24.23
N VAL B 200 -10.71 2.93 -24.22
CA VAL B 200 -9.62 2.23 -24.91
C VAL B 200 -9.67 2.52 -26.44
N GLY B 201 -10.85 2.38 -27.02
CA GLY B 201 -11.07 2.65 -28.44
C GLY B 201 -10.73 4.07 -28.85
N GLU B 202 -11.21 5.00 -28.05
CA GLU B 202 -10.99 6.41 -28.29
C GLU B 202 -9.51 6.81 -28.17
N VAL B 203 -8.82 6.23 -27.19
CA VAL B 203 -7.39 6.55 -27.02
C VAL B 203 -6.55 6.01 -28.20
N VAL B 204 -6.78 4.76 -28.53
CA VAL B 204 -6.08 4.10 -29.62
C VAL B 204 -6.29 4.84 -30.95
N THR B 205 -7.53 5.18 -31.19
CA THR B 205 -7.91 5.90 -32.41
C THR B 205 -7.27 7.30 -32.45
N THR B 206 -7.39 8.01 -31.34
CA THR B 206 -6.77 9.34 -31.19
C THR B 206 -5.27 9.31 -31.51
N MET B 207 -4.59 8.33 -30.97
CA MET B 207 -3.15 8.17 -31.25
C MET B 207 -2.91 7.86 -32.73
N ALA B 208 -3.70 6.92 -33.28
CA ALA B 208 -3.55 6.49 -34.67
C ALA B 208 -3.78 7.66 -35.66
N ILE B 209 -4.84 8.43 -35.42
CA ILE B 209 -5.17 9.56 -36.32
C ILE B 209 -4.12 10.68 -36.21
N THR B 210 -3.52 10.82 -35.05
CA THR B 210 -2.50 11.83 -34.80
C THR B 210 -1.24 11.50 -35.60
N VAL B 211 -0.77 10.27 -35.47
CA VAL B 211 0.41 9.86 -36.25
C VAL B 211 0.11 9.74 -37.75
N ALA B 212 -1.14 9.43 -38.10
CA ALA B 212 -1.56 9.46 -39.50
C ALA B 212 -1.40 10.87 -40.12
N ARG B 213 -1.82 11.88 -39.36
CA ARG B 213 -1.62 13.28 -39.77
C ARG B 213 -0.11 13.62 -39.87
N GLU B 214 0.62 13.26 -38.84
CA GLU B 214 2.06 13.50 -38.76
C GLU B 214 2.79 12.95 -40.00
N PHE B 215 2.49 11.70 -40.36
CA PHE B 215 3.19 11.01 -41.45
C PHE B 215 2.46 11.08 -42.80
N LYS B 216 1.40 11.89 -42.84
CA LYS B 216 0.69 12.25 -44.07
C LYS B 216 0.09 11.07 -44.83
N THR B 217 -0.60 10.23 -44.10
CA THR B 217 -1.33 9.11 -44.69
C THR B 217 -2.74 9.16 -44.15
N GLU B 218 -3.67 8.77 -44.99
CA GLU B 218 -5.08 8.69 -44.58
C GLU B 218 -5.49 7.29 -44.16
N ASN B 219 -4.61 6.30 -44.39
CA ASN B 219 -4.95 4.90 -44.15
C ASN B 219 -4.49 4.44 -42.78
N ILE B 220 -5.42 3.84 -42.04
CA ILE B 220 -5.12 3.28 -40.72
C ILE B 220 -5.63 1.87 -40.69
N VAL B 221 -4.69 0.93 -40.56
CA VAL B 221 -4.98 -0.50 -40.46
C VAL B 221 -4.90 -0.94 -39.00
N TYR B 222 -6.00 -1.49 -38.50
CA TYR B 222 -6.10 -1.95 -37.10
C TYR B 222 -6.01 -3.47 -37.02
N ILE B 223 -5.06 -3.95 -36.25
CA ILE B 223 -4.87 -5.39 -36.01
C ILE B 223 -4.81 -5.65 -34.51
N GLY B 224 -4.75 -6.92 -34.18
CA GLY B 224 -4.60 -7.37 -32.80
C GLY B 224 -5.83 -8.16 -32.40
N SER B 225 -5.66 -9.06 -31.44
CA SER B 225 -6.76 -9.93 -31.01
C SER B 225 -7.78 -9.17 -30.17
N SER B 226 -7.47 -7.94 -29.75
CA SER B 226 -8.44 -7.13 -28.97
C SER B 226 -9.75 -6.86 -29.70
N PHE B 227 -9.72 -6.99 -31.02
CA PHE B 227 -10.89 -6.87 -31.86
C PHE B 227 -11.76 -8.13 -31.99
N HIS B 228 -11.26 -9.27 -31.53
CA HIS B 228 -12.03 -10.52 -31.49
C HIS B 228 -13.15 -10.51 -30.46
N ASN B 229 -14.34 -10.90 -30.92
CA ASN B 229 -15.54 -10.95 -30.09
C ASN B 229 -15.82 -9.59 -29.45
N ASN B 230 -15.54 -8.50 -30.18
CA ASN B 230 -15.81 -7.16 -29.68
C ASN B 230 -16.16 -6.21 -30.81
N ALA B 231 -17.38 -6.38 -31.30
CA ALA B 231 -17.96 -5.54 -32.33
C ALA B 231 -18.00 -4.07 -31.87
N LEU B 232 -18.28 -3.86 -30.59
CA LEU B 232 -18.35 -2.50 -30.06
C LEU B 232 -16.99 -1.77 -30.19
N LEU B 233 -15.92 -2.46 -29.87
CA LEU B 233 -14.58 -1.87 -30.00
C LEU B 233 -14.33 -1.48 -31.47
N ARG B 234 -14.64 -2.39 -32.38
CA ARG B 234 -14.51 -2.16 -33.81
C ARG B 234 -15.28 -0.96 -34.25
N LYS B 235 -16.50 -0.85 -33.75
CA LYS B 235 -17.36 0.30 -34.05
C LYS B 235 -16.84 1.65 -33.49
N VAL B 236 -16.40 1.67 -32.23
CA VAL B 236 -15.88 2.91 -31.61
C VAL B 236 -14.70 3.43 -32.45
N VAL B 237 -13.81 2.50 -32.77
CA VAL B 237 -12.60 2.79 -33.54
C VAL B 237 -12.93 3.23 -34.96
N GLU B 238 -13.74 2.44 -35.63
CA GLU B 238 -14.12 2.73 -37.01
C GLU B 238 -14.80 4.09 -37.18
N ASP B 239 -15.81 4.34 -36.35
CA ASP B 239 -16.60 5.58 -36.44
C ASP B 239 -15.76 6.81 -36.19
N TYR B 240 -14.94 6.76 -35.14
CA TYR B 240 -14.08 7.92 -34.83
C TYR B 240 -12.96 8.15 -35.87
N THR B 241 -12.38 7.07 -36.39
CA THR B 241 -11.41 7.16 -37.48
C THR B 241 -12.01 7.91 -38.70
N VAL B 242 -13.20 7.48 -39.08
CA VAL B 242 -13.95 8.11 -40.20
C VAL B 242 -14.25 9.60 -39.90
N LEU B 243 -14.76 9.87 -38.72
CA LEU B 243 -14.97 11.26 -38.24
C LEU B 243 -13.77 12.17 -38.35
N ARG B 244 -12.59 11.59 -38.13
CA ARG B 244 -11.34 12.32 -38.22
C ARG B 244 -10.75 12.34 -39.63
N GLY B 245 -11.52 11.91 -40.62
CA GLY B 245 -11.15 12.03 -42.03
C GLY B 245 -10.16 10.99 -42.50
N CYS B 246 -10.08 9.88 -41.81
CA CYS B 246 -9.15 8.79 -42.15
C CYS B 246 -9.93 7.57 -42.55
N LYS B 247 -9.25 6.61 -43.16
CA LYS B 247 -9.86 5.34 -43.62
C LYS B 247 -9.41 4.18 -42.75
N PRO B 248 -10.30 3.62 -41.92
CA PRO B 248 -9.98 2.45 -41.14
C PRO B 248 -10.09 1.14 -41.92
N TYR B 249 -9.17 0.24 -41.66
CA TYR B 249 -9.19 -1.11 -42.24
C TYR B 249 -8.98 -2.14 -41.17
N TYR B 250 -9.83 -3.16 -41.21
CA TYR B 250 -9.63 -4.39 -40.46
C TYR B 250 -9.26 -5.48 -41.47
N VAL B 251 -8.57 -6.49 -40.99
CA VAL B 251 -7.95 -7.52 -41.84
C VAL B 251 -8.38 -8.86 -41.28
N GLU B 252 -8.85 -9.76 -42.14
CA GLU B 252 -9.13 -11.14 -41.73
C GLU B 252 -7.80 -11.79 -41.28
N ASN B 253 -7.83 -12.38 -40.09
CA ASN B 253 -6.65 -12.95 -39.45
C ASN B 253 -5.52 -11.95 -39.18
N GLY B 254 -5.88 -10.68 -39.09
CA GLY B 254 -4.95 -9.59 -38.77
C GLY B 254 -4.15 -9.86 -37.50
N ALA B 255 -4.78 -10.52 -36.54
CA ALA B 255 -4.14 -10.89 -35.26
C ALA B 255 -2.97 -11.85 -35.43
N PHE B 256 -2.92 -12.53 -36.58
CA PHE B 256 -1.84 -13.48 -36.94
C PHE B 256 -0.74 -12.88 -37.81
N SER B 257 -0.77 -11.55 -38.00
CA SER B 257 0.21 -10.84 -38.81
C SER B 257 1.66 -11.19 -38.38
N GLY B 258 1.93 -11.11 -37.10
CA GLY B 258 3.25 -11.44 -36.54
C GLY B 258 3.70 -12.89 -36.79
N ALA B 259 2.79 -13.83 -36.56
CA ALA B 259 3.04 -15.27 -36.78
C ALA B 259 3.34 -15.59 -38.25
N ILE B 260 2.53 -15.05 -39.14
CA ILE B 260 2.76 -15.15 -40.59
C ILE B 260 4.07 -14.48 -40.99
N GLY B 261 4.28 -13.29 -40.47
CA GLY B 261 5.48 -12.49 -40.76
C GLY B 261 6.78 -13.20 -40.39
N ALA B 262 6.77 -13.84 -39.22
CA ALA B 262 7.92 -14.61 -38.74
C ALA B 262 8.35 -15.69 -39.74
N LEU B 263 7.36 -16.36 -40.32
CA LEU B 263 7.64 -17.38 -41.36
C LEU B 263 8.29 -16.83 -42.61
N TYR B 264 7.95 -15.60 -42.97
CA TYR B 264 8.36 -14.99 -44.24
C TYR B 264 9.50 -14.00 -44.14
N LEU B 265 10.03 -13.80 -42.95
CA LEU B 265 11.23 -13.00 -42.78
C LEU B 265 12.43 -13.95 -43.00
N MET C 1 -35.80 -19.19 28.40
CA MET C 1 -34.50 -18.69 27.88
C MET C 1 -33.46 -18.55 29.00
N LYS C 2 -32.27 -19.09 28.74
CA LYS C 2 -31.09 -18.91 29.59
C LYS C 2 -30.09 -18.00 28.87
N VAL C 3 -29.47 -17.11 29.63
CA VAL C 3 -28.55 -16.11 29.02
C VAL C 3 -27.22 -15.99 29.78
N GLY C 4 -26.16 -16.03 29.00
CA GLY C 4 -24.81 -15.83 29.48
C GLY C 4 -24.23 -14.59 28.85
N ILE C 5 -23.63 -13.74 29.68
CA ILE C 5 -23.06 -12.47 29.22
C ILE C 5 -21.63 -12.31 29.70
N ASP C 6 -20.75 -12.04 28.75
CA ASP C 6 -19.35 -11.64 29.03
C ASP C 6 -19.19 -10.17 28.65
N ALA C 7 -19.25 -9.30 29.66
CA ALA C 7 -19.22 -7.83 29.46
C ALA C 7 -17.81 -7.32 29.67
N GLY C 8 -17.07 -7.27 28.58
CA GLY C 8 -15.65 -6.96 28.63
C GLY C 8 -15.40 -5.47 28.48
N GLY C 9 -14.13 -5.13 28.42
CA GLY C 9 -13.69 -3.72 28.27
C GLY C 9 -14.18 -3.02 27.00
N THR C 10 -14.33 -3.77 25.92
CA THR C 10 -14.74 -3.21 24.61
C THR C 10 -16.04 -3.78 24.04
N LEU C 11 -16.20 -5.10 24.13
CA LEU C 11 -17.42 -5.78 23.62
C LEU C 11 -18.14 -6.58 24.71
N ILE C 12 -19.46 -6.56 24.61
CA ILE C 12 -20.35 -7.38 25.41
C ILE C 12 -20.79 -8.55 24.52
N LYS C 13 -20.44 -9.76 24.93
CA LYS C 13 -20.82 -11.00 24.22
C LYS C 13 -21.98 -11.61 24.95
N ILE C 14 -23.04 -11.89 24.21
CA ILE C 14 -24.29 -12.43 24.77
C ILE C 14 -24.62 -13.75 24.06
N VAL C 15 -24.77 -14.79 24.87
CA VAL C 15 -25.26 -16.10 24.39
C VAL C 15 -26.63 -16.31 25.00
N GLN C 16 -27.62 -16.49 24.13
CA GLN C 16 -28.97 -16.95 24.52
C GLN C 16 -29.18 -18.42 24.16
N GLU C 17 -29.65 -19.20 25.12
CA GLU C 17 -29.97 -20.62 24.92
C GLU C 17 -31.44 -20.87 25.15
N GLN C 18 -32.03 -21.58 24.20
CA GLN C 18 -33.44 -21.92 24.25
C GLN C 18 -33.62 -23.26 23.56
N ASP C 19 -33.84 -24.30 24.36
CA ASP C 19 -34.11 -25.65 23.85
C ASP C 19 -32.95 -26.11 22.93
N ASN C 20 -31.71 -25.91 23.37
CA ASN C 20 -30.51 -26.27 22.55
C ASN C 20 -30.34 -25.54 21.18
N GLN C 21 -31.03 -24.42 21.02
CA GLN C 21 -30.78 -23.44 19.95
C GLN C 21 -30.02 -22.30 20.63
N ARG C 22 -28.84 -21.99 20.10
CA ARG C 22 -28.02 -20.87 20.58
C ARG C 22 -28.18 -19.67 19.69
N THR C 23 -28.23 -18.50 20.33
CA THR C 23 -28.08 -17.21 19.66
C THR C 23 -26.79 -16.57 20.17
N PHE C 24 -26.00 -16.00 19.28
CA PHE C 24 -24.76 -15.28 19.62
C PHE C 24 -24.88 -13.82 19.21
N LYS C 25 -24.73 -12.94 20.19
CA LYS C 25 -24.93 -11.53 19.98
C LYS C 25 -23.77 -10.74 20.52
N THR C 26 -23.30 -9.80 19.71
CA THR C 26 -22.26 -8.86 20.13
C THR C 26 -22.84 -7.46 20.21
N GLU C 27 -22.50 -6.77 21.29
CA GLU C 27 -22.81 -5.36 21.47
C GLU C 27 -21.59 -4.61 21.98
N LEU C 28 -21.51 -3.33 21.65
CA LEU C 28 -20.45 -2.49 22.17
C LEU C 28 -20.64 -2.25 23.67
N THR C 29 -19.54 -2.31 24.39
CA THR C 29 -19.56 -2.00 25.83
C THR C 29 -20.02 -0.56 26.07
N LYS C 30 -19.66 0.35 25.17
CA LYS C 30 -20.19 1.71 25.21
C LYS C 30 -21.73 1.77 25.24
N ASN C 31 -22.39 0.79 24.63
CA ASN C 31 -23.87 0.68 24.62
C ASN C 31 -24.45 -0.24 25.69
N ILE C 32 -23.75 -0.37 26.81
CA ILE C 32 -24.18 -1.26 27.91
C ILE C 32 -25.60 -0.96 28.42
N ASP C 33 -25.97 0.31 28.43
CA ASP C 33 -27.33 0.74 28.83
C ASP C 33 -28.43 0.07 27.99
N GLN C 34 -28.16 -0.12 26.71
CA GLN C 34 -29.09 -0.82 25.80
C GLN C 34 -29.20 -2.32 26.10
N VAL C 35 -28.09 -2.91 26.51
CA VAL C 35 -28.09 -4.31 26.92
C VAL C 35 -28.95 -4.46 28.17
N VAL C 36 -28.80 -3.51 29.08
CA VAL C 36 -29.56 -3.52 30.33
C VAL C 36 -31.07 -3.41 30.03
N GLU C 37 -31.45 -2.42 29.22
CA GLU C 37 -32.91 -2.25 28.85
C GLU C 37 -33.44 -3.51 28.19
N TRP C 38 -32.64 -4.08 27.29
CA TRP C 38 -33.03 -5.32 26.57
C TRP C 38 -33.29 -6.46 27.56
N LEU C 39 -32.36 -6.66 28.49
CA LEU C 39 -32.48 -7.70 29.55
C LEU C 39 -33.73 -7.52 30.39
N ASN C 40 -34.00 -6.28 30.77
CA ASN C 40 -35.15 -5.99 31.65
C ASN C 40 -36.54 -6.28 31.02
N GLN C 41 -36.58 -6.32 29.70
CA GLN C 41 -37.77 -6.68 28.92
C GLN C 41 -37.92 -8.18 28.63
N GLN C 42 -36.87 -8.94 28.85
CA GLN C 42 -36.87 -10.37 28.48
C GLN C 42 -37.39 -11.25 29.59
N GLN C 43 -37.88 -12.40 29.18
CA GLN C 43 -38.27 -13.46 30.08
C GLN C 43 -37.05 -14.37 30.24
N ILE C 44 -36.35 -14.26 31.38
CA ILE C 44 -35.09 -15.00 31.61
C ILE C 44 -35.19 -15.98 32.78
N GLU C 45 -34.98 -17.23 32.46
CA GLU C 45 -34.98 -18.29 33.45
C GLU C 45 -33.72 -18.24 34.30
N LYS C 46 -32.59 -18.03 33.64
CA LYS C 46 -31.27 -18.04 34.28
C LYS C 46 -30.36 -17.03 33.58
N LEU C 47 -29.72 -16.19 34.38
CA LEU C 47 -28.82 -15.15 33.88
C LEU C 47 -27.50 -15.27 34.59
N CYS C 48 -26.44 -15.47 33.81
CA CYS C 48 -25.07 -15.58 34.32
C CYS C 48 -24.18 -14.52 33.66
N LEU C 49 -23.37 -13.88 34.49
CA LEU C 49 -22.54 -12.76 34.06
C LEU C 49 -21.07 -12.98 34.36
N THR C 50 -20.24 -12.40 33.53
CA THR C 50 -18.80 -12.39 33.74
C THR C 50 -18.19 -11.19 33.01
N GLY C 51 -16.91 -10.95 33.28
CA GLY C 51 -16.18 -9.86 32.65
C GLY C 51 -16.16 -8.60 33.51
N GLY C 52 -15.29 -7.67 33.14
CA GLY C 52 -15.10 -6.42 33.91
C GLY C 52 -16.34 -5.57 34.15
N ASN C 53 -17.24 -5.56 33.18
CA ASN C 53 -18.50 -4.79 33.27
C ASN C 53 -19.73 -5.56 33.68
N ALA C 54 -19.53 -6.77 34.21
CA ALA C 54 -20.64 -7.58 34.75
C ALA C 54 -21.40 -6.82 35.85
N GLY C 55 -20.66 -6.13 36.70
CA GLY C 55 -21.24 -5.37 37.84
C GLY C 55 -22.16 -4.26 37.41
N VAL C 56 -21.80 -3.56 36.34
CA VAL C 56 -22.64 -2.50 35.77
C VAL C 56 -23.99 -3.07 35.30
N ILE C 57 -23.94 -4.23 34.66
CA ILE C 57 -25.18 -4.94 34.29
C ILE C 57 -25.98 -5.38 35.52
N ALA C 58 -25.32 -6.04 36.45
CA ALA C 58 -25.99 -6.60 37.65
C ALA C 58 -26.70 -5.54 38.50
N GLU C 59 -26.06 -4.39 38.67
CA GLU C 59 -26.62 -3.27 39.48
C GLU C 59 -27.80 -2.53 38.84
N ASN C 60 -27.98 -2.72 37.55
CA ASN C 60 -29.01 -1.97 36.78
C ASN C 60 -30.14 -2.83 36.23
N ILE C 61 -30.12 -4.12 36.52
CA ILE C 61 -31.18 -5.04 36.07
C ILE C 61 -32.15 -5.40 37.20
N ASN C 62 -33.31 -5.91 36.81
CA ASN C 62 -34.46 -6.25 37.69
C ASN C 62 -34.39 -7.56 38.39
N ILE C 63 -33.49 -8.40 37.91
CA ILE C 63 -33.49 -9.83 38.31
C ILE C 63 -32.16 -10.18 38.97
N PRO C 64 -32.15 -11.25 39.78
CA PRO C 64 -30.89 -11.76 40.25
C PRO C 64 -30.04 -12.30 39.09
N ALA C 65 -28.74 -12.40 39.35
CA ALA C 65 -27.81 -12.91 38.36
C ALA C 65 -26.62 -13.51 39.07
N GLN C 66 -26.19 -14.68 38.61
CA GLN C 66 -24.92 -15.23 39.08
C GLN C 66 -23.75 -14.58 38.35
N ILE C 67 -22.68 -14.30 39.09
CA ILE C 67 -21.48 -13.66 38.56
C ILE C 67 -20.33 -14.63 38.74
N PHE C 68 -19.56 -14.78 37.68
CA PHE C 68 -18.41 -15.69 37.65
C PHE C 68 -17.17 -14.94 37.23
N VAL C 69 -16.02 -15.48 37.64
CA VAL C 69 -14.71 -14.89 37.27
C VAL C 69 -14.42 -15.24 35.81
N GLU C 70 -14.03 -14.25 35.02
CA GLU C 70 -13.87 -14.42 33.56
C GLU C 70 -12.90 -15.49 33.12
N PHE C 71 -11.87 -15.72 33.92
CA PHE C 71 -10.85 -16.74 33.58
C PHE C 71 -11.44 -18.15 33.62
N ASP C 72 -12.20 -18.43 34.67
CA ASP C 72 -12.86 -19.72 34.80
C ASP C 72 -13.95 -19.88 33.75
N ALA C 73 -14.73 -18.84 33.54
CA ALA C 73 -15.79 -18.82 32.52
C ALA C 73 -15.22 -19.07 31.13
N ALA C 74 -14.19 -18.34 30.78
CA ALA C 74 -13.51 -18.49 29.46
C ALA C 74 -13.05 -19.93 29.28
N SER C 75 -12.39 -20.47 30.30
CA SER C 75 -11.91 -21.88 30.27
C SER C 75 -13.05 -22.88 30.04
N GLN C 76 -14.14 -22.69 30.76
CA GLN C 76 -15.28 -23.62 30.73
C GLN C 76 -15.92 -23.63 29.33
N GLY C 77 -16.18 -22.43 28.82
CA GLY C 77 -16.82 -22.28 27.52
C GLY C 77 -15.92 -22.76 26.39
N LEU C 78 -14.64 -22.45 26.49
CA LEU C 78 -13.68 -22.85 25.47
C LEU C 78 -13.61 -24.40 25.39
N GLY C 79 -13.58 -25.03 26.55
CA GLY C 79 -13.60 -26.52 26.62
C GLY C 79 -14.82 -27.12 25.93
N ILE C 80 -15.96 -26.47 26.13
CA ILE C 80 -17.20 -26.87 25.48
C ILE C 80 -17.11 -26.73 23.95
N LEU C 81 -16.63 -25.58 23.49
CA LEU C 81 -16.49 -25.31 22.06
C LEU C 81 -15.50 -26.24 21.37
N LEU C 82 -14.37 -26.47 22.02
CA LEU C 82 -13.33 -27.38 21.48
C LEU C 82 -13.88 -28.79 21.23
N LYS C 83 -14.59 -29.32 22.22
CA LYS C 83 -15.18 -30.66 22.13
C LYS C 83 -16.28 -30.74 21.07
N GLU C 84 -17.14 -29.73 21.02
CA GLU C 84 -18.18 -29.61 19.96
C GLU C 84 -17.57 -29.66 18.57
N GLN C 85 -16.42 -29.04 18.43
CA GLN C 85 -15.76 -28.85 17.11
C GLN C 85 -14.70 -29.92 16.80
N GLY C 86 -14.67 -30.96 17.61
CA GLY C 86 -13.81 -32.12 17.34
C GLY C 86 -12.35 -32.01 17.68
N HIS C 87 -12.01 -31.11 18.60
CA HIS C 87 -10.65 -31.04 19.16
C HIS C 87 -10.64 -31.66 20.56
N ASP C 88 -9.86 -32.71 20.70
CA ASP C 88 -9.71 -33.39 21.97
C ASP C 88 -8.26 -33.17 22.37
N LEU C 89 -8.06 -32.08 23.10
CA LEU C 89 -6.72 -31.68 23.52
C LEU C 89 -6.52 -32.05 24.97
N ALA C 90 -5.47 -32.80 25.26
CA ALA C 90 -5.17 -33.22 26.63
C ALA C 90 -4.83 -32.01 27.52
N ASP C 91 -4.15 -31.06 26.92
CA ASP C 91 -3.76 -29.82 27.60
C ASP C 91 -3.44 -28.75 26.57
N TYR C 92 -3.40 -27.52 27.03
CA TYR C 92 -3.13 -26.39 26.14
C TYR C 92 -2.90 -25.08 26.88
N ILE C 93 -2.16 -24.21 26.22
CA ILE C 93 -2.20 -22.80 26.52
C ILE C 93 -3.44 -22.24 25.82
N PHE C 94 -4.19 -21.40 26.50
CA PHE C 94 -5.11 -20.52 25.77
C PHE C 94 -4.75 -19.04 26.02
N ALA C 95 -4.80 -18.32 24.92
CA ALA C 95 -4.48 -16.89 24.87
C ALA C 95 -5.75 -16.16 24.47
N ASN C 96 -6.25 -15.39 25.42
CA ASN C 96 -7.47 -14.61 25.26
C ASN C 96 -7.05 -13.18 24.86
N VAL C 97 -7.13 -12.91 23.56
CA VAL C 97 -6.71 -11.63 22.98
C VAL C 97 -7.91 -10.71 22.88
N GLY C 98 -8.20 -10.06 24.00
CA GLY C 98 -9.33 -9.15 24.14
C GLY C 98 -8.85 -7.73 23.96
N THR C 99 -9.45 -6.81 24.70
CA THR C 99 -8.93 -5.45 24.85
C THR C 99 -7.46 -5.51 25.29
N GLY C 100 -7.22 -6.30 26.34
CA GLY C 100 -5.89 -6.80 26.67
C GLY C 100 -5.82 -8.31 26.53
N THR C 101 -4.61 -8.84 26.72
CA THR C 101 -4.33 -10.25 26.50
C THR C 101 -3.99 -10.98 27.80
N SER C 102 -4.73 -12.05 28.05
CA SER C 102 -4.57 -12.91 29.21
C SER C 102 -4.19 -14.34 28.74
N LEU C 103 -3.17 -14.92 29.38
CA LEU C 103 -2.61 -16.21 29.01
C LEU C 103 -2.84 -17.25 30.12
N HIS C 104 -3.25 -18.44 29.70
CA HIS C 104 -3.69 -19.49 30.62
C HIS C 104 -3.14 -20.82 30.21
N TYR C 105 -2.79 -21.60 31.22
CA TYR C 105 -2.44 -23.01 31.03
C TYR C 105 -3.60 -23.87 31.53
N PHE C 106 -4.17 -24.65 30.61
CA PHE C 106 -5.23 -25.61 30.93
C PHE C 106 -4.58 -27.01 30.97
N ASP C 107 -4.57 -27.61 32.14
CA ASP C 107 -3.85 -28.90 32.35
C ASP C 107 -4.66 -30.18 32.04
N GLY C 108 -5.86 -30.01 31.48
CA GLY C 108 -6.85 -31.10 31.30
C GLY C 108 -8.01 -31.02 32.28
N GLN C 109 -7.76 -30.37 33.40
CA GLN C 109 -8.68 -30.33 34.53
C GLN C 109 -9.09 -28.90 34.88
N SER C 110 -8.13 -28.01 35.02
CA SER C 110 -8.45 -26.62 35.36
C SER C 110 -7.51 -25.64 34.69
N GLN C 111 -7.91 -24.39 34.68
CA GLN C 111 -7.04 -23.32 34.13
C GLN C 111 -6.26 -22.65 35.24
N ARG C 112 -5.07 -22.19 34.89
CA ARG C 112 -4.28 -21.28 35.71
C ARG C 112 -3.83 -20.13 34.80
N ARG C 113 -3.93 -18.90 35.30
CA ARG C 113 -3.41 -17.72 34.57
C ARG C 113 -1.89 -17.70 34.74
N VAL C 114 -1.19 -17.78 33.63
CA VAL C 114 0.28 -17.89 33.63
C VAL C 114 0.96 -16.64 33.07
N GLY C 115 0.14 -15.69 32.64
CA GLY C 115 0.64 -14.43 32.18
C GLY C 115 -0.40 -13.53 31.56
N GLY C 116 0.08 -12.36 31.20
CA GLY C 116 -0.77 -11.40 30.53
C GLY C 116 0.06 -10.28 30.00
N ILE C 117 -0.54 -9.50 29.13
CA ILE C 117 0.17 -8.40 28.50
C ILE C 117 -0.84 -7.42 27.91
N GLY C 118 -0.47 -6.14 27.93
CA GLY C 118 -1.34 -5.10 27.41
C GLY C 118 -1.35 -4.96 25.90
N THR C 119 -0.66 -5.83 25.19
CA THR C 119 -0.69 -5.86 23.72
C THR C 119 -1.83 -6.79 23.25
N GLY C 120 -2.88 -6.17 22.73
CA GLY C 120 -4.07 -6.85 22.29
C GLY C 120 -4.91 -5.95 21.39
N GLY C 121 -6.21 -6.21 21.36
CA GLY C 121 -7.15 -5.48 20.51
C GLY C 121 -7.28 -3.99 20.82
N GLY C 122 -7.19 -3.66 22.10
CA GLY C 122 -7.18 -2.27 22.58
C GLY C 122 -6.05 -1.46 21.95
N MET C 123 -4.86 -2.06 21.91
CA MET C 123 -3.69 -1.43 21.31
C MET C 123 -3.84 -1.28 19.80
N ILE C 124 -4.42 -2.29 19.17
CA ILE C 124 -4.67 -2.25 17.74
C ILE C 124 -5.53 -1.03 17.42
N GLN C 125 -6.63 -0.88 18.15
CA GLN C 125 -7.53 0.26 17.98
C GLN C 125 -6.89 1.61 18.33
N GLY C 126 -6.25 1.65 19.49
CA GLY C 126 -5.72 2.93 20.03
C GLY C 126 -4.50 3.45 19.31
N LEU C 127 -3.49 2.60 19.21
CA LEU C 127 -2.30 2.95 18.44
C LEU C 127 -2.64 3.10 16.95
N GLY C 128 -3.56 2.27 16.48
CA GLY C 128 -4.08 2.37 15.11
C GLY C 128 -4.65 3.75 14.83
N TYR C 129 -5.51 4.20 15.73
CA TYR C 129 -6.04 5.57 15.68
C TYR C 129 -4.94 6.64 15.67
N LEU C 130 -3.98 6.55 16.57
CA LEU C 130 -2.90 7.57 16.61
C LEU C 130 -2.12 7.63 15.30
N LEU C 131 -1.98 6.52 14.61
CA LEU C 131 -1.19 6.47 13.36
C LEU C 131 -1.98 6.72 12.07
N SER C 132 -3.30 6.66 12.17
CA SER C 132 -4.18 6.69 10.98
C SER C 132 -5.42 7.59 11.07
N GLN C 133 -5.75 8.05 12.27
CA GLN C 133 -7.01 8.83 12.56
C GLN C 133 -8.31 8.02 12.35
N ILE C 134 -8.20 6.71 12.10
CA ILE C 134 -9.38 5.87 11.90
C ILE C 134 -9.89 5.36 13.25
N THR C 135 -11.15 5.65 13.53
CA THR C 135 -11.84 5.16 14.74
C THR C 135 -12.74 3.95 14.48
N ASP C 136 -13.21 3.80 13.25
CA ASP C 136 -14.12 2.70 12.88
C ASP C 136 -13.35 1.39 12.74
N TYR C 137 -13.73 0.41 13.55
CA TYR C 137 -12.97 -0.87 13.64
C TYR C 137 -12.84 -1.61 12.30
N LYS C 138 -13.98 -1.78 11.62
CA LYS C 138 -14.00 -2.46 10.30
C LYS C 138 -13.10 -1.72 9.28
N GLN C 139 -13.22 -0.42 9.28
CA GLN C 139 -12.36 0.43 8.41
C GLN C 139 -10.87 0.30 8.75
N LEU C 140 -10.57 0.34 10.04
CA LEU C 140 -9.19 0.19 10.54
C LEU C 140 -8.54 -1.12 10.13
N THR C 141 -9.23 -2.21 10.46
CA THR C 141 -8.74 -3.54 10.14
C THR C 141 -8.69 -3.81 8.64
N ASP C 142 -9.71 -3.40 7.90
CA ASP C 142 -9.69 -3.56 6.42
C ASP C 142 -8.50 -2.86 5.80
N MET C 143 -8.25 -1.63 6.22
CA MET C 143 -7.07 -0.85 5.79
C MET C 143 -5.74 -1.55 6.02
N ALA C 144 -5.61 -2.26 7.14
CA ALA C 144 -4.33 -2.93 7.50
C ALA C 144 -4.01 -4.14 6.68
N GLN C 145 -5.03 -4.77 6.14
CA GLN C 145 -4.88 -6.14 5.59
C GLN C 145 -3.78 -6.36 4.56
N HIS C 146 -3.57 -5.41 3.68
CA HIS C 146 -2.53 -5.59 2.64
C HIS C 146 -1.37 -4.61 2.80
N GLY C 147 -1.22 -4.05 4.00
CA GLY C 147 -0.08 -3.22 4.33
C GLY C 147 1.18 -4.03 4.16
N ASP C 148 2.26 -3.33 3.84
CA ASP C 148 3.57 -3.95 3.66
C ASP C 148 4.44 -3.46 4.82
N ARG C 149 4.96 -4.41 5.58
CA ARG C 149 5.73 -4.09 6.80
C ARG C 149 7.22 -3.87 6.52
N ASN C 150 7.63 -4.12 5.29
CA ASN C 150 9.05 -4.20 4.94
C ASN C 150 9.86 -2.92 5.19
N THR C 151 9.27 -1.77 4.93
CA THR C 151 9.94 -0.47 5.20
C THR C 151 9.87 -0.06 6.67
N ILE C 152 9.07 -0.77 7.47
CA ILE C 152 8.85 -0.42 8.87
C ILE C 152 9.64 -1.33 9.83
N ASP C 153 9.57 -2.64 9.60
CA ASP C 153 10.18 -3.62 10.49
C ASP C 153 11.54 -4.04 10.02
N LEU C 154 12.40 -4.31 10.99
CA LEU C 154 13.75 -4.75 10.77
C LEU C 154 13.83 -6.23 11.07
N LYS C 155 14.38 -6.99 10.14
CA LYS C 155 14.63 -8.41 10.29
C LYS C 155 16.04 -8.68 10.75
N VAL C 156 16.24 -9.88 11.27
CA VAL C 156 17.55 -10.36 11.71
C VAL C 156 18.57 -10.26 10.56
N ARG C 157 18.15 -10.65 9.36
CA ARG C 157 19.04 -10.62 8.18
C ARG C 157 19.49 -9.20 7.78
N HIS C 158 18.68 -8.19 8.09
CA HIS C 158 19.09 -6.80 7.89
C HIS C 158 20.24 -6.37 8.81
N ILE C 159 20.25 -6.92 10.01
CA ILE C 159 21.31 -6.64 10.98
C ILE C 159 22.58 -7.43 10.63
N TYR C 160 22.41 -8.71 10.34
CA TYR C 160 23.55 -9.60 10.04
C TYR C 160 24.11 -9.50 8.60
N LYS C 161 23.34 -8.91 7.70
CA LYS C 161 23.80 -8.56 6.32
C LYS C 161 24.28 -9.79 5.58
N ASP C 162 25.58 -9.86 5.30
CA ASP C 162 26.15 -10.93 4.49
C ASP C 162 26.79 -12.02 5.32
N THR C 163 26.47 -12.06 6.61
CA THR C 163 26.97 -13.12 7.49
C THR C 163 25.83 -13.99 8.00
N GLU C 164 26.16 -15.23 8.35
CA GLU C 164 25.18 -16.20 8.90
C GLU C 164 24.74 -15.76 10.31
N PRO C 165 23.44 -15.48 10.50
CA PRO C 165 23.00 -15.07 11.84
C PRO C 165 22.86 -16.26 12.78
N PRO C 166 22.94 -16.02 14.10
CA PRO C 166 22.80 -17.12 15.06
C PRO C 166 21.35 -17.58 15.33
N ILE C 167 20.40 -16.85 14.81
CA ILE C 167 18.98 -17.24 14.79
C ILE C 167 18.46 -16.96 13.39
N PRO C 168 17.31 -17.54 13.01
CA PRO C 168 16.89 -17.41 11.61
C PRO C 168 16.76 -15.96 11.13
N GLY C 169 17.30 -15.70 9.95
CA GLY C 169 17.37 -14.35 9.36
C GLY C 169 16.04 -13.68 9.02
N ASP C 170 15.01 -14.47 8.78
CA ASP C 170 13.69 -13.94 8.46
C ASP C 170 12.89 -13.41 9.68
N LEU C 171 13.34 -13.75 10.89
CA LEU C 171 12.68 -13.29 12.11
C LEU C 171 12.68 -11.76 12.19
N THR C 172 11.61 -11.19 12.71
CA THR C 172 11.61 -9.78 13.09
C THR C 172 12.66 -9.56 14.22
N ALA C 173 13.65 -8.73 13.95
CA ALA C 173 14.64 -8.30 14.96
C ALA C 173 14.11 -7.14 15.79
N ALA C 174 13.42 -6.23 15.13
CA ALA C 174 12.91 -5.02 15.75
C ALA C 174 11.69 -4.48 15.01
N ASN C 175 10.55 -4.51 15.70
CA ASN C 175 9.34 -3.90 15.18
C ASN C 175 9.56 -2.39 15.10
N PHE C 176 9.18 -1.81 13.96
CA PHE C 176 9.39 -0.39 13.65
C PHE C 176 10.88 0.00 13.54
N GLY C 177 11.77 -0.99 13.56
CA GLY C 177 13.21 -0.74 13.55
C GLY C 177 13.81 -0.35 12.19
N HIS C 178 13.02 -0.47 11.13
CA HIS C 178 13.49 -0.03 9.77
C HIS C 178 13.06 1.38 9.40
N VAL C 179 12.21 1.97 10.22
CA VAL C 179 11.64 3.30 9.96
C VAL C 179 12.73 4.34 9.67
N LEU C 180 13.71 4.42 10.56
CA LEU C 180 14.79 5.42 10.42
C LEU C 180 15.72 5.18 9.22
N HIS C 181 15.69 3.96 8.68
CA HIS C 181 16.41 3.61 7.44
C HIS C 181 15.60 3.87 6.16
N HIS C 182 14.39 4.35 6.30
CA HIS C 182 13.46 4.57 5.18
C HIS C 182 12.73 5.89 5.30
N LEU C 183 13.43 6.92 5.77
CA LEU C 183 12.80 8.24 5.99
C LEU C 183 12.28 8.92 4.73
N ASP C 184 12.84 8.58 3.59
CA ASP C 184 12.34 9.04 2.27
C ASP C 184 11.05 8.31 1.84
N ALA C 185 10.82 7.15 2.43
CA ALA C 185 9.66 6.31 2.05
C ALA C 185 8.37 6.85 2.64
N ASP C 186 7.28 6.46 1.98
CA ASP C 186 5.93 6.84 2.39
C ASP C 186 5.44 5.79 3.39
N PHE C 187 5.21 6.22 4.63
CA PHE C 187 4.64 5.36 5.68
C PHE C 187 3.14 5.53 5.57
N THR C 188 2.57 4.70 4.70
CA THR C 188 1.15 4.75 4.36
C THR C 188 0.34 4.24 5.54
N PRO C 189 -0.93 4.66 5.64
CA PRO C 189 -1.81 4.15 6.73
C PRO C 189 -1.90 2.62 6.76
N SER C 190 -1.96 1.99 5.60
CA SER C 190 -2.02 0.54 5.52
C SER C 190 -0.76 -0.09 6.09
N ASN C 191 0.39 0.43 5.68
CA ASN C 191 1.69 -0.12 6.10
C ASN C 191 1.87 0.03 7.62
N LYS C 192 1.54 1.21 8.13
CA LYS C 192 1.64 1.50 9.55
C LYS C 192 0.74 0.59 10.36
N LEU C 193 -0.49 0.43 9.90
CA LEU C 193 -1.47 -0.40 10.61
C LEU C 193 -1.08 -1.87 10.60
N ALA C 194 -0.52 -2.32 9.48
CA ALA C 194 -0.02 -3.72 9.39
C ALA C 194 1.10 -3.97 10.40
N ALA C 195 1.96 -2.98 10.58
CA ALA C 195 3.06 -3.04 11.56
C ALA C 195 2.57 -3.06 13.00
N VAL C 196 1.50 -2.33 13.26
CA VAL C 196 0.82 -2.37 14.59
C VAL C 196 0.28 -3.77 14.88
N ILE C 197 -0.48 -4.30 13.92
CA ILE C 197 -0.99 -5.67 14.02
C ILE C 197 0.16 -6.66 14.14
N GLY C 198 1.23 -6.43 13.38
CA GLY C 198 2.43 -7.25 13.44
C GLY C 198 3.04 -7.32 14.83
N VAL C 199 3.27 -6.17 15.45
CA VAL C 199 3.88 -6.17 16.81
C VAL C 199 2.95 -6.84 17.85
N VAL C 200 1.66 -6.57 17.78
CA VAL C 200 0.71 -7.14 18.70
C VAL C 200 0.67 -8.69 18.57
N GLY C 201 0.57 -9.16 17.34
CA GLY C 201 0.58 -10.59 17.03
C GLY C 201 1.85 -11.29 17.48
N GLU C 202 2.99 -10.66 17.21
CA GLU C 202 4.29 -11.25 17.56
C GLU C 202 4.50 -11.34 19.07
N VAL C 203 4.04 -10.31 19.78
CA VAL C 203 4.21 -10.28 21.24
C VAL C 203 3.33 -11.36 21.89
N VAL C 204 2.08 -11.39 21.50
CA VAL C 204 1.11 -12.39 22.02
C VAL C 204 1.64 -13.81 21.78
N THR C 205 2.09 -14.04 20.56
CA THR C 205 2.55 -15.37 20.16
C THR C 205 3.82 -15.76 20.91
N THR C 206 4.74 -14.82 21.01
CA THR C 206 5.97 -15.02 21.76
C THR C 206 5.67 -15.42 23.19
N MET C 207 4.76 -14.71 23.82
CA MET C 207 4.39 -15.00 25.20
C MET C 207 3.75 -16.41 25.28
N ALA C 208 2.84 -16.69 24.35
CA ALA C 208 2.11 -17.98 24.29
C ALA C 208 3.07 -19.17 24.12
N ILE C 209 4.01 -19.02 23.20
CA ILE C 209 5.03 -20.02 22.91
C ILE C 209 5.93 -20.28 24.12
N THR C 210 6.24 -19.20 24.82
CA THR C 210 7.13 -19.26 25.97
C THR C 210 6.49 -20.03 27.11
N VAL C 211 5.26 -19.67 27.45
CA VAL C 211 4.53 -20.41 28.49
C VAL C 211 4.17 -21.83 28.05
N ALA C 212 3.98 -22.04 26.75
CA ALA C 212 3.75 -23.38 26.23
C ALA C 212 4.95 -24.28 26.52
N ARG C 213 6.14 -23.75 26.29
CA ARG C 213 7.38 -24.44 26.63
C ARG C 213 7.48 -24.69 28.15
N GLU C 214 7.24 -23.65 28.92
CA GLU C 214 7.30 -23.69 30.37
C GLU C 214 6.43 -24.79 30.95
N PHE C 215 5.20 -24.87 30.47
CA PHE C 215 4.21 -25.85 30.97
C PHE C 215 4.12 -27.14 30.15
N LYS C 216 5.04 -27.30 29.22
CA LYS C 216 5.24 -28.54 28.46
C LYS C 216 4.02 -29.01 27.68
N THR C 217 3.44 -28.07 26.94
CA THR C 217 2.37 -28.37 25.99
C THR C 217 2.72 -27.76 24.63
N GLU C 218 2.31 -28.45 23.58
CA GLU C 218 2.52 -27.96 22.20
C GLU C 218 1.30 -27.24 21.65
N ASN C 219 0.19 -27.30 22.37
CA ASN C 219 -1.09 -26.77 21.87
C ASN C 219 -1.35 -25.37 22.39
N ILE C 220 -1.66 -24.46 21.47
CA ILE C 220 -1.99 -23.08 21.83
C ILE C 220 -3.28 -22.72 21.15
N VAL C 221 -4.29 -22.43 21.96
CA VAL C 221 -5.61 -22.05 21.49
C VAL C 221 -5.77 -20.55 21.64
N TYR C 222 -6.11 -19.89 20.53
CA TYR C 222 -6.27 -18.45 20.50
C TYR C 222 -7.75 -18.10 20.42
N ILE C 223 -8.20 -17.31 21.38
CA ILE C 223 -9.55 -16.76 21.39
C ILE C 223 -9.52 -15.24 21.59
N GLY C 224 -10.69 -14.64 21.52
CA GLY C 224 -10.88 -13.23 21.68
C GLY C 224 -11.43 -12.63 20.41
N SER C 225 -12.14 -11.53 20.55
CA SER C 225 -12.71 -10.84 19.40
C SER C 225 -11.68 -10.13 18.52
N SER C 226 -10.45 -9.99 19.00
CA SER C 226 -9.38 -9.27 18.25
C SER C 226 -9.09 -9.92 16.92
N PHE C 227 -9.47 -11.19 16.81
CA PHE C 227 -9.31 -11.93 15.57
C PHE C 227 -10.42 -11.71 14.53
N HIS C 228 -11.54 -11.12 14.93
CA HIS C 228 -12.63 -10.84 14.01
C HIS C 228 -12.30 -9.75 12.96
N ASN C 229 -12.55 -10.08 11.69
CA ASN C 229 -12.25 -9.17 10.57
C ASN C 229 -10.76 -8.75 10.55
N ASN C 230 -9.89 -9.66 10.99
CA ASN C 230 -8.46 -9.39 10.98
C ASN C 230 -7.68 -10.63 10.63
N ALA C 231 -7.77 -10.98 9.37
CA ALA C 231 -7.04 -12.12 8.84
C ALA C 231 -5.54 -11.97 9.06
N LEU C 232 -5.04 -10.74 8.96
CA LEU C 232 -3.59 -10.48 9.11
C LEU C 232 -3.11 -10.85 10.51
N LEU C 233 -3.89 -10.49 11.51
CA LEU C 233 -3.58 -10.89 12.90
C LEU C 233 -3.57 -12.42 13.09
N ARG C 234 -4.60 -13.07 12.57
CA ARG C 234 -4.72 -14.55 12.56
C ARG C 234 -3.47 -15.17 11.91
N LYS C 235 -3.06 -14.60 10.78
CA LYS C 235 -1.89 -15.12 10.02
C LYS C 235 -0.56 -14.91 10.72
N VAL C 236 -0.35 -13.71 11.25
CA VAL C 236 0.89 -13.41 12.00
C VAL C 236 1.05 -14.43 13.14
N VAL C 237 -0.03 -14.59 13.87
CA VAL C 237 -0.07 -15.50 15.03
C VAL C 237 0.12 -16.97 14.61
N GLU C 238 -0.65 -17.38 13.64
CA GLU C 238 -0.60 -18.78 13.18
C GLU C 238 0.77 -19.17 12.65
N ASP C 239 1.32 -18.35 11.78
CA ASP C 239 2.61 -18.64 11.15
C ASP C 239 3.73 -18.74 12.18
N TYR C 240 3.78 -17.77 13.08
CA TYR C 240 4.87 -17.76 14.08
C TYR C 240 4.71 -18.90 15.12
N THR C 241 3.47 -19.23 15.47
CA THR C 241 3.22 -20.38 16.37
C THR C 241 3.79 -21.68 15.76
N VAL C 242 3.45 -21.88 14.50
CA VAL C 242 3.96 -23.02 13.70
C VAL C 242 5.48 -23.00 13.61
N LEU C 243 6.05 -21.84 13.27
CA LEU C 243 7.53 -21.67 13.22
C LEU C 243 8.24 -22.07 14.49
N ARG C 244 7.60 -21.85 15.61
CA ARG C 244 8.15 -22.22 16.91
C ARG C 244 7.83 -23.65 17.35
N GLY C 245 7.25 -24.43 16.47
CA GLY C 245 6.99 -25.86 16.72
C GLY C 245 5.80 -26.13 17.62
N CYS C 246 4.84 -25.21 17.61
CA CYS C 246 3.61 -25.36 18.37
C CYS C 246 2.45 -25.44 17.41
N LYS C 247 1.32 -25.92 17.92
CA LYS C 247 0.11 -26.07 17.11
C LYS C 247 -0.93 -25.01 17.50
N PRO C 248 -1.25 -24.08 16.59
CA PRO C 248 -2.25 -23.07 16.87
C PRO C 248 -3.63 -23.57 16.54
N TYR C 249 -4.58 -23.18 17.36
CA TYR C 249 -5.99 -23.45 17.12
C TYR C 249 -6.83 -22.21 17.29
N TYR C 250 -7.72 -22.01 16.34
CA TYR C 250 -8.79 -21.04 16.44
C TYR C 250 -10.10 -21.81 16.54
N VAL C 251 -11.08 -21.19 17.12
CA VAL C 251 -12.30 -21.88 17.52
C VAL C 251 -13.47 -21.07 16.98
N GLU C 252 -14.44 -21.73 16.35
CA GLU C 252 -15.68 -21.06 15.90
C GLU C 252 -16.40 -20.53 17.13
N ASN C 253 -16.73 -19.26 17.09
CA ASN C 253 -17.30 -18.53 18.25
C ASN C 253 -16.43 -18.50 19.51
N GLY C 254 -15.13 -18.65 19.32
CA GLY C 254 -14.15 -18.60 20.43
C GLY C 254 -14.27 -17.35 21.29
N ALA C 255 -14.63 -16.23 20.66
CA ALA C 255 -14.84 -14.94 21.37
C ALA C 255 -15.98 -14.98 22.39
N PHE C 256 -16.86 -15.96 22.26
CA PHE C 256 -18.00 -16.21 23.17
C PHE C 256 -17.73 -17.25 24.27
N SER C 257 -16.48 -17.72 24.36
CA SER C 257 -16.09 -18.71 25.36
C SER C 257 -16.55 -18.32 26.78
N GLY C 258 -16.26 -17.09 27.17
CA GLY C 258 -16.64 -16.59 28.51
C GLY C 258 -18.15 -16.58 28.75
N ALA C 259 -18.88 -16.10 27.75
CA ALA C 259 -20.35 -16.02 27.80
C ALA C 259 -20.99 -17.41 27.91
N ILE C 260 -20.54 -18.32 27.07
CA ILE C 260 -20.97 -19.75 27.14
C ILE C 260 -20.60 -20.35 28.50
N GLY C 261 -19.37 -20.11 28.91
CA GLY C 261 -18.83 -20.66 30.15
C GLY C 261 -19.65 -20.26 31.36
N ALA C 262 -20.04 -19.00 31.39
CA ALA C 262 -20.84 -18.44 32.49
C ALA C 262 -22.17 -19.20 32.65
N LEU C 263 -22.80 -19.56 31.53
CA LEU C 263 -24.02 -20.40 31.55
C LEU C 263 -23.82 -21.80 32.10
N TYR C 264 -22.65 -22.36 31.89
CA TYR C 264 -22.38 -23.74 32.30
C TYR C 264 -21.59 -23.92 33.59
N LEU C 265 -21.25 -22.83 34.28
CA LEU C 265 -20.58 -22.93 35.58
C LEU C 265 -21.64 -23.04 36.71
N MET D 1 47.67 -1.55 22.43
CA MET D 1 46.24 -1.65 22.84
C MET D 1 45.51 -2.89 22.27
N LYS D 2 44.59 -3.36 23.09
CA LYS D 2 43.65 -4.42 22.72
C LYS D 2 42.26 -3.79 22.53
N VAL D 3 41.56 -4.25 21.52
CA VAL D 3 40.26 -3.66 21.14
C VAL D 3 39.18 -4.72 20.96
N GLY D 4 38.05 -4.47 21.60
CA GLY D 4 36.85 -5.29 21.43
C GLY D 4 35.74 -4.41 20.87
N ILE D 5 35.07 -4.94 19.85
CA ILE D 5 34.00 -4.21 19.16
C ILE D 5 32.75 -5.05 19.04
N ASP D 6 31.66 -4.46 19.47
CA ASP D 6 30.31 -5.03 19.29
C ASP D 6 29.59 -4.10 18.30
N ALA D 7 29.55 -4.55 17.05
CA ALA D 7 28.94 -3.79 15.98
C ALA D 7 27.52 -4.29 15.75
N GLY D 8 26.59 -3.62 16.42
CA GLY D 8 25.18 -4.01 16.39
C GLY D 8 24.38 -3.34 15.31
N GLY D 9 23.08 -3.59 15.32
CA GLY D 9 22.16 -3.03 14.31
C GLY D 9 22.12 -1.50 14.29
N THR D 10 22.32 -0.86 15.44
CA THR D 10 22.18 0.63 15.58
C THR D 10 23.45 1.32 16.08
N LEU D 11 24.08 0.73 17.09
CA LEU D 11 25.31 1.28 17.66
C LEU D 11 26.47 0.30 17.61
N ILE D 12 27.64 0.87 17.42
CA ILE D 12 28.92 0.17 17.50
C ILE D 12 29.54 0.57 18.83
N LYS D 13 29.78 -0.42 19.67
CA LYS D 13 30.40 -0.23 20.99
C LYS D 13 31.84 -0.69 20.88
N ILE D 14 32.73 0.20 21.30
CA ILE D 14 34.17 -0.06 21.23
C ILE D 14 34.76 0.05 22.63
N VAL D 15 35.44 -1.01 23.02
CA VAL D 15 36.24 -1.02 24.24
C VAL D 15 37.71 -1.11 23.84
N GLN D 16 38.49 -0.14 24.31
CA GLN D 16 39.96 -0.17 24.21
C GLN D 16 40.61 -0.46 25.58
N GLU D 17 41.52 -1.41 25.58
CA GLU D 17 42.26 -1.80 26.79
C GLU D 17 43.73 -1.55 26.63
N GLN D 18 44.31 -0.97 27.68
CA GLN D 18 45.72 -0.61 27.75
C GLN D 18 46.30 -0.71 29.21
N ASP D 19 47.53 -0.23 29.37
CA ASP D 19 48.15 0.10 30.69
C ASP D 19 47.26 -0.11 31.92
N GLN D 21 43.68 -0.37 32.08
CA GLN D 21 42.88 0.84 31.81
C GLN D 21 41.94 0.66 30.63
N ARG D 22 40.65 0.88 30.87
CA ARG D 22 39.65 0.79 29.81
C ARG D 22 39.20 2.14 29.33
N THR D 23 38.91 2.22 28.03
CA THR D 23 38.08 3.32 27.50
C THR D 23 36.90 2.76 26.66
N PHE D 24 35.80 3.49 26.73
CA PHE D 24 34.51 3.08 26.16
C PHE D 24 34.08 4.11 25.14
N LYS D 25 33.87 3.65 23.91
CA LYS D 25 33.50 4.54 22.78
C LYS D 25 32.26 3.99 22.06
N THR D 26 31.31 4.88 21.82
CA THR D 26 30.11 4.57 21.06
C THR D 26 30.15 5.33 19.74
N GLU D 27 29.83 4.61 18.68
CA GLU D 27 29.65 5.18 17.36
C GLU D 27 28.36 4.64 16.71
N LEU D 28 27.75 5.45 15.85
CA LEU D 28 26.58 5.00 15.08
C LEU D 28 26.99 3.94 14.06
N THR D 29 26.17 2.91 13.95
CA THR D 29 26.39 1.86 12.96
C THR D 29 26.34 2.44 11.54
N LYS D 30 25.50 3.45 11.34
CA LYS D 30 25.51 4.18 10.04
C LYS D 30 26.89 4.75 9.67
N ASN D 31 27.71 5.07 10.68
CA ASN D 31 29.10 5.57 10.47
C ASN D 31 30.18 4.51 10.58
N ILE D 32 29.82 3.27 10.26
CA ILE D 32 30.76 2.13 10.33
C ILE D 32 32.06 2.36 9.52
N ASP D 33 31.93 3.00 8.37
CA ASP D 33 33.09 3.39 7.50
C ASP D 33 34.16 4.20 8.27
N GLN D 34 33.72 5.08 9.16
CA GLN D 34 34.63 5.83 10.06
C GLN D 34 35.31 4.97 11.13
N VAL D 35 34.59 4.00 11.64
CA VAL D 35 35.19 3.04 12.60
C VAL D 35 36.29 2.24 11.91
N VAL D 36 36.01 1.84 10.67
CA VAL D 36 36.98 1.08 9.87
C VAL D 36 38.25 1.91 9.63
N GLU D 37 38.06 3.15 9.20
CA GLU D 37 39.17 4.11 8.96
C GLU D 37 40.03 4.30 10.22
N TRP D 38 39.34 4.49 11.34
CA TRP D 38 39.96 4.67 12.66
C TRP D 38 40.83 3.46 13.03
N LEU D 39 40.25 2.27 12.88
CA LEU D 39 40.96 0.99 13.15
C LEU D 39 42.21 0.82 12.31
N ASN D 40 42.10 1.16 11.04
CA ASN D 40 43.23 0.98 10.09
C ASN D 40 44.46 1.85 10.38
N GLN D 41 44.22 2.94 11.12
CA GLN D 41 45.27 3.87 11.58
C GLN D 41 45.73 3.70 13.04
N GLN D 42 45.29 2.62 13.69
CA GLN D 42 45.75 2.22 15.04
C GLN D 42 46.75 1.09 15.08
N GLN D 43 47.56 1.10 16.15
CA GLN D 43 48.43 -0.02 16.49
C GLN D 43 47.64 -0.91 17.41
N ILE D 44 47.18 -2.03 16.88
CA ILE D 44 46.34 -2.95 17.63
C ILE D 44 47.02 -4.30 17.83
N GLU D 45 47.21 -4.65 19.08
CA GLU D 45 47.82 -5.93 19.45
C GLU D 45 46.84 -7.07 19.23
N LYS D 46 45.59 -6.85 19.60
CA LYS D 46 44.52 -7.85 19.51
C LYS D 46 43.19 -7.18 19.22
N LEU D 47 42.49 -7.69 18.22
CA LEU D 47 41.19 -7.16 17.79
C LEU D 47 40.17 -8.28 17.79
N CYS D 48 39.11 -8.09 18.56
CA CYS D 48 38.00 -9.05 18.65
C CYS D 48 36.69 -8.38 18.29
N LEU D 49 35.89 -9.08 17.51
CA LEU D 49 34.65 -8.53 16.96
C LEU D 49 33.46 -9.41 17.27
N THR D 50 32.31 -8.76 17.40
CA THR D 50 31.04 -9.46 17.58
C THR D 50 29.92 -8.56 17.10
N GLY D 51 28.72 -9.13 17.03
CA GLY D 51 27.53 -8.42 16.57
C GLY D 51 27.26 -8.58 15.08
N GLY D 52 26.07 -8.18 14.67
CA GLY D 52 25.62 -8.36 13.26
C GLY D 52 26.49 -7.74 12.18
N ASN D 53 27.09 -6.60 12.51
CA ASN D 53 27.98 -5.88 11.57
C ASN D 53 29.47 -6.14 11.75
N ALA D 54 29.82 -7.17 12.50
CA ALA D 54 31.23 -7.56 12.68
C ALA D 54 31.91 -7.88 11.35
N GLY D 55 31.19 -8.58 10.49
CA GLY D 55 31.66 -8.94 9.13
C GLY D 55 32.01 -7.77 8.24
N VAL D 56 31.19 -6.74 8.27
CA VAL D 56 31.46 -5.49 7.53
C VAL D 56 32.81 -4.85 7.98
N ILE D 57 33.04 -4.84 9.29
CA ILE D 57 34.33 -4.37 9.84
C ILE D 57 35.49 -5.29 9.39
N ALA D 58 35.32 -6.59 9.59
CA ALA D 58 36.39 -7.58 9.30
C ALA D 58 36.85 -7.57 7.83
N GLU D 59 35.88 -7.44 6.93
CA GLU D 59 36.14 -7.45 5.48
C GLU D 59 36.76 -6.15 4.94
N ASN D 60 36.76 -5.10 5.74
CA ASN D 60 37.29 -3.78 5.32
C ASN D 60 38.51 -3.26 6.10
N ILE D 61 39.02 -4.07 7.01
CA ILE D 61 40.22 -3.70 7.80
C ILE D 61 41.48 -4.43 7.30
N ASN D 62 42.63 -3.88 7.68
CA ASN D 62 44.03 -4.33 7.31
C ASN D 62 44.59 -5.49 8.10
N ILE D 63 43.96 -5.78 9.21
CA ILE D 63 44.55 -6.70 10.19
C ILE D 63 43.61 -7.87 10.42
N PRO D 64 44.16 -8.99 10.94
CA PRO D 64 43.29 -10.09 11.33
C PRO D 64 42.41 -9.68 12.50
N ALA D 65 41.32 -10.43 12.67
CA ALA D 65 40.39 -10.20 13.77
C ALA D 65 39.65 -11.47 14.11
N GLN D 66 39.57 -11.76 15.40
CA GLN D 66 38.74 -12.87 15.85
C GLN D 66 37.29 -12.40 15.93
N ILE D 67 36.38 -13.27 15.50
CA ILE D 67 34.95 -13.00 15.50
C ILE D 67 34.27 -13.99 16.44
N PHE D 68 33.41 -13.47 17.29
CA PHE D 68 32.68 -14.26 18.30
C PHE D 68 31.19 -14.03 18.17
N VAL D 69 30.42 -15.01 18.62
CA VAL D 69 28.94 -14.93 18.59
C VAL D 69 28.51 -13.98 19.73
N GLU D 70 27.62 -13.05 19.41
CA GLU D 70 27.25 -11.96 20.34
C GLU D 70 26.64 -12.43 21.66
N PHE D 71 25.94 -13.54 21.63
CA PHE D 71 25.29 -14.08 22.83
C PHE D 71 26.31 -14.54 23.87
N ASP D 72 27.32 -15.27 23.41
CA ASP D 72 28.43 -15.70 24.29
C ASP D 72 29.25 -14.50 24.73
N ALA D 73 29.55 -13.60 23.81
CA ALA D 73 30.32 -12.40 24.12
C ALA D 73 29.60 -11.54 25.20
N ALA D 74 28.33 -11.29 24.98
CA ALA D 74 27.51 -10.51 25.93
C ALA D 74 27.56 -11.15 27.32
N SER D 75 27.35 -12.45 27.37
CA SER D 75 27.41 -13.20 28.64
C SER D 75 28.74 -13.08 29.36
N GLN D 76 29.81 -13.24 28.60
CA GLN D 76 31.18 -13.18 29.16
C GLN D 76 31.48 -11.79 29.76
N GLY D 77 31.20 -10.76 28.98
CA GLY D 77 31.46 -9.37 29.40
C GLY D 77 30.58 -8.95 30.57
N LEU D 78 29.33 -9.38 30.55
CA LEU D 78 28.40 -9.04 31.64
C LEU D 78 28.85 -9.66 32.94
N GLY D 79 29.27 -10.92 32.88
CA GLY D 79 29.85 -11.60 34.05
C GLY D 79 31.03 -10.83 34.66
N ILE D 80 31.87 -10.30 33.80
CA ILE D 80 33.02 -9.48 34.21
C ILE D 80 32.56 -8.20 34.93
N LEU D 81 31.62 -7.50 34.30
CA LEU D 81 31.10 -6.23 34.85
C LEU D 81 30.39 -6.42 36.17
N LEU D 82 29.58 -7.47 36.26
CA LEU D 82 28.88 -7.78 37.50
C LEU D 82 29.85 -7.96 38.68
N LYS D 83 30.89 -8.74 38.45
CA LYS D 83 31.93 -8.97 39.49
C LYS D 83 32.69 -7.69 39.88
N GLU D 84 33.09 -6.93 38.88
CA GLU D 84 33.76 -5.62 39.09
C GLU D 84 32.91 -4.68 39.96
N GLN D 85 31.60 -4.76 39.77
CA GLN D 85 30.60 -3.90 40.46
C GLN D 85 29.96 -4.54 41.71
N GLY D 86 30.58 -5.60 42.21
CA GLY D 86 30.26 -6.15 43.53
C GLY D 86 29.04 -7.04 43.60
N HIS D 87 28.60 -7.57 42.46
CA HIS D 87 27.48 -8.53 42.45
C HIS D 87 28.04 -9.92 42.37
N ASP D 88 27.54 -10.79 43.21
CA ASP D 88 27.82 -12.23 43.12
C ASP D 88 26.49 -12.95 42.94
N LEU D 89 26.09 -13.11 41.69
CA LEU D 89 24.80 -13.75 41.37
C LEU D 89 25.07 -15.18 40.94
N ALA D 90 24.41 -16.12 41.62
CA ALA D 90 24.56 -17.57 41.31
C ALA D 90 24.01 -17.89 39.92
N ASP D 91 22.92 -17.23 39.59
CA ASP D 91 22.28 -17.36 38.27
C ASP D 91 21.39 -16.17 37.99
N TYR D 92 21.00 -16.02 36.72
CA TYR D 92 20.16 -14.88 36.32
C TYR D 92 19.66 -14.99 34.90
N ILE D 93 18.52 -14.36 34.68
CA ILE D 93 18.12 -13.95 33.34
C ILE D 93 18.92 -12.69 33.00
N PHE D 94 19.45 -12.61 31.78
CA PHE D 94 19.80 -11.30 31.24
C PHE D 94 19.00 -10.98 29.99
N ALA D 95 18.55 -9.73 29.96
CA ALA D 95 17.76 -9.17 28.88
C ALA D 95 18.59 -8.09 28.23
N ASN D 96 18.98 -8.36 27.00
CA ASN D 96 19.76 -7.45 26.19
C ASN D 96 18.79 -6.66 25.31
N VAL D 97 18.52 -5.43 25.75
CA VAL D 97 17.54 -4.53 25.09
C VAL D 97 18.31 -3.62 24.16
N GLY D 98 18.56 -4.15 22.98
CA GLY D 98 19.30 -3.45 21.92
C GLY D 98 18.32 -2.87 20.93
N THR D 99 18.68 -2.90 19.64
CA THR D 99 17.74 -2.57 18.56
C THR D 99 16.51 -3.46 18.72
N GLY D 100 16.79 -4.74 18.86
CA GLY D 100 15.82 -5.71 19.36
C GLY D 100 16.27 -6.29 20.67
N THR D 101 15.40 -7.13 21.24
CA THR D 101 15.60 -7.67 22.56
C THR D 101 15.82 -9.17 22.54
N SER D 102 16.93 -9.59 23.15
CA SER D 102 17.33 -10.99 23.28
C SER D 102 17.40 -11.37 24.77
N LEU D 103 16.81 -12.52 25.11
CA LEU D 103 16.70 -12.99 26.50
C LEU D 103 17.49 -14.27 26.72
N HIS D 104 18.21 -14.29 27.84
CA HIS D 104 19.16 -15.34 28.15
C HIS D 104 19.05 -15.79 29.56
N TYR D 105 19.21 -17.10 29.75
CA TYR D 105 19.35 -17.68 31.10
C TYR D 105 20.83 -18.05 31.31
N PHE D 106 21.42 -17.43 32.33
CA PHE D 106 22.80 -17.74 32.74
C PHE D 106 22.75 -18.61 34.01
N ASP D 107 23.25 -19.85 33.91
CA ASP D 107 23.07 -20.84 35.00
C ASP D 107 24.19 -20.85 36.06
N GLY D 108 25.10 -19.88 35.96
CA GLY D 108 26.35 -19.84 36.75
C GLY D 108 27.58 -20.23 35.95
N GLN D 109 27.37 -20.98 34.88
CA GLN D 109 28.45 -21.54 34.02
C GLN D 109 28.39 -21.01 32.59
N SER D 110 27.22 -21.06 31.98
CA SER D 110 27.07 -20.64 30.60
C SER D 110 25.70 -20.03 30.35
N GLN D 111 25.59 -19.33 29.22
CA GLN D 111 24.31 -18.74 28.81
C GLN D 111 23.58 -19.64 27.84
N ARG D 112 22.27 -19.58 27.89
CA ARG D 112 21.38 -20.14 26.88
C ARG D 112 20.39 -19.06 26.47
N ARG D 113 20.16 -18.89 25.17
CA ARG D 113 19.12 -17.97 24.69
C ARG D 113 17.77 -18.65 24.89
N VAL D 114 16.90 -18.00 25.66
CA VAL D 114 15.60 -18.57 26.05
C VAL D 114 14.43 -17.80 25.44
N GLY D 115 14.75 -16.74 24.71
CA GLY D 115 13.73 -15.98 24.02
C GLY D 115 14.24 -14.70 23.36
N GLY D 116 13.33 -14.06 22.70
CA GLY D 116 13.60 -12.76 22.10
C GLY D 116 12.32 -12.14 21.62
N ILE D 117 12.40 -10.85 21.35
CA ILE D 117 11.22 -10.08 20.90
C ILE D 117 11.68 -8.80 20.21
N GLY D 118 10.91 -8.37 19.23
CA GLY D 118 11.22 -7.14 18.47
C GLY D 118 10.89 -5.82 19.16
N THR D 119 10.44 -5.88 20.42
CA THR D 119 10.18 -4.69 21.21
C THR D 119 11.44 -4.32 21.96
N GLY D 120 12.04 -3.24 21.52
CA GLY D 120 13.28 -2.76 22.09
C GLY D 120 13.56 -1.33 21.65
N GLY D 121 14.83 -0.99 21.58
CA GLY D 121 15.26 0.39 21.25
C GLY D 121 14.90 0.84 19.85
N GLY D 122 14.96 -0.11 18.91
CA GLY D 122 14.53 0.09 17.52
C GLY D 122 13.09 0.57 17.43
N MET D 123 12.22 -0.06 18.21
CA MET D 123 10.80 0.33 18.27
C MET D 123 10.60 1.70 18.90
N ILE D 124 11.34 1.94 19.97
CA ILE D 124 11.29 3.25 20.63
C ILE D 124 11.59 4.35 19.58
N GLN D 125 12.67 4.16 18.83
CA GLN D 125 13.05 5.12 17.79
C GLN D 125 12.06 5.21 16.64
N GLY D 126 11.66 4.05 16.12
CA GLY D 126 10.85 4.00 14.91
C GLY D 126 9.42 4.42 15.14
N LEU D 127 8.78 3.80 16.12
CA LEU D 127 7.40 4.15 16.47
C LEU D 127 7.37 5.56 17.06
N GLY D 128 8.42 5.89 17.81
CA GLY D 128 8.60 7.26 18.33
C GLY D 128 8.58 8.29 17.22
N TYR D 129 9.37 8.02 16.19
CA TYR D 129 9.38 8.86 14.98
C TYR D 129 7.98 8.98 14.33
N LEU D 130 7.30 7.85 14.15
CA LEU D 130 5.97 7.88 13.51
C LEU D 130 4.99 8.72 14.29
N LEU D 131 5.15 8.77 15.61
CA LEU D 131 4.19 9.52 16.45
C LEU D 131 4.58 10.97 16.75
N SER D 132 5.82 11.32 16.48
CA SER D 132 6.38 12.62 16.91
C SER D 132 7.19 13.37 15.86
N GLN D 133 7.58 12.69 14.80
CA GLN D 133 8.53 13.18 13.76
C GLN D 133 9.96 13.46 14.25
N ILE D 134 10.28 13.06 15.47
CA ILE D 134 11.62 13.27 16.03
C ILE D 134 12.51 12.11 15.64
N THR D 135 13.63 12.44 15.02
CA THR D 135 14.65 11.46 14.64
C THR D 135 15.84 11.47 15.60
N ASP D 136 16.09 12.60 16.25
CA ASP D 136 17.23 12.74 17.16
C ASP D 136 16.96 11.99 18.47
N TYR D 137 17.80 11.02 18.76
CA TYR D 137 17.60 10.09 19.89
C TYR D 137 17.49 10.80 21.26
N LYS D 138 18.44 11.69 21.53
CA LYS D 138 18.42 12.45 22.80
C LYS D 138 17.17 13.31 22.91
N GLN D 139 16.81 13.97 21.81
CA GLN D 139 15.57 14.78 21.76
C GLN D 139 14.32 13.92 22.01
N LEU D 140 14.26 12.79 21.32
CA LEU D 140 13.14 11.82 21.45
C LEU D 140 12.93 11.33 22.89
N THR D 141 14.00 10.78 23.46
CA THR D 141 13.96 10.26 24.84
C THR D 141 13.75 11.36 25.87
N ASP D 142 14.42 12.51 25.72
CA ASP D 142 14.15 13.65 26.63
C ASP D 142 12.68 14.04 26.62
N MET D 143 12.12 14.17 25.43
CA MET D 143 10.69 14.53 25.27
C MET D 143 9.72 13.59 25.97
N ALA D 144 10.07 12.31 26.01
CA ALA D 144 9.22 11.30 26.67
C ALA D 144 9.17 11.35 28.20
N GLN D 145 10.22 11.91 28.82
CA GLN D 145 10.45 11.71 30.25
C GLN D 145 9.33 12.12 31.20
N HIS D 146 8.63 13.21 30.88
CA HIS D 146 7.54 13.72 31.72
C HIS D 146 6.20 13.62 31.04
N GLY D 147 6.11 12.76 30.02
CA GLY D 147 4.82 12.41 29.41
C GLY D 147 3.91 11.78 30.44
N ASP D 148 2.61 11.95 30.24
CA ASP D 148 1.59 11.38 31.07
C ASP D 148 0.86 10.31 30.22
N ARG D 149 0.85 9.09 30.70
CA ARG D 149 0.26 7.94 29.96
C ARG D 149 -1.25 7.75 30.24
N ASN D 150 -1.77 8.52 31.17
CA ASN D 150 -3.12 8.33 31.73
C ASN D 150 -4.25 8.36 30.68
N THR D 151 -4.16 9.28 29.72
CA THR D 151 -5.18 9.39 28.65
C THR D 151 -4.96 8.39 27.52
N ILE D 152 -3.83 7.70 27.53
CA ILE D 152 -3.46 6.78 26.48
C ILE D 152 -3.65 5.30 26.87
N ASP D 153 -3.18 4.93 28.04
CA ASP D 153 -3.21 3.53 28.51
C ASP D 153 -4.43 3.24 29.36
N LEU D 154 -4.93 2.01 29.25
CA LEU D 154 -6.08 1.51 29.97
C LEU D 154 -5.60 0.53 31.03
N LYS D 155 -6.03 0.77 32.25
CA LYS D 155 -5.71 -0.08 33.41
C LYS D 155 -6.82 -1.10 33.65
N VAL D 156 -6.47 -2.13 34.39
CA VAL D 156 -7.43 -3.21 34.79
C VAL D 156 -8.63 -2.58 35.50
N ARG D 157 -8.35 -1.63 36.40
CA ARG D 157 -9.43 -0.98 37.15
C ARG D 157 -10.41 -0.17 36.27
N HIS D 158 -9.95 0.32 35.13
CA HIS D 158 -10.84 1.00 34.16
C HIS D 158 -11.83 0.05 33.51
N ILE D 159 -11.40 -1.18 33.29
CA ILE D 159 -12.28 -2.24 32.75
C ILE D 159 -13.24 -2.74 33.82
N TYR D 160 -12.72 -3.01 35.00
CA TYR D 160 -13.52 -3.59 36.12
C TYR D 160 -14.36 -2.56 36.90
N LYS D 161 -14.06 -1.29 36.71
CA LYS D 161 -14.90 -0.17 37.19
C LYS D 161 -15.06 -0.27 38.73
N ASP D 162 -16.27 -0.52 39.19
CA ASP D 162 -16.56 -0.56 40.63
C ASP D 162 -16.63 -1.98 41.17
N THR D 163 -16.07 -2.93 40.44
CA THR D 163 -16.03 -4.33 40.88
C THR D 163 -14.59 -4.76 41.13
N GLU D 164 -14.44 -5.76 41.97
CA GLU D 164 -13.14 -6.27 42.35
C GLU D 164 -12.53 -7.08 41.20
N PRO D 165 -11.36 -6.65 40.67
CA PRO D 165 -10.78 -7.39 39.57
C PRO D 165 -10.05 -8.63 40.06
N PRO D 166 -9.88 -9.64 39.19
CA PRO D 166 -9.21 -10.87 39.58
C PRO D 166 -7.67 -10.78 39.56
N ILE D 167 -7.15 -9.68 39.01
CA ILE D 167 -5.72 -9.33 39.08
C ILE D 167 -5.63 -7.85 39.49
N PRO D 168 -4.44 -7.39 39.95
CA PRO D 168 -4.39 -6.05 40.50
C PRO D 168 -4.89 -4.95 39.53
N GLY D 169 -5.74 -4.09 40.05
CA GLY D 169 -6.38 -3.04 39.28
C GLY D 169 -5.45 -2.00 38.65
N ASP D 170 -4.29 -1.79 39.26
CA ASP D 170 -3.35 -0.80 38.77
C ASP D 170 -2.54 -1.26 37.55
N LEU D 171 -2.56 -2.55 37.26
CA LEU D 171 -1.87 -3.10 36.09
C LEU D 171 -2.38 -2.48 34.79
N THR D 172 -1.49 -2.24 33.85
CA THR D 172 -1.90 -1.91 32.47
C THR D 172 -2.70 -3.12 31.89
N ALA D 173 -3.94 -2.87 31.52
CA ALA D 173 -4.78 -3.85 30.81
C ALA D 173 -4.52 -3.81 29.31
N ALA D 174 -4.38 -2.60 28.80
CA ALA D 174 -4.21 -2.38 27.35
C ALA D 174 -3.41 -1.11 27.06
N ASN D 175 -2.22 -1.29 26.52
CA ASN D 175 -1.42 -0.16 26.09
C ASN D 175 -2.14 0.51 24.92
N PHE D 176 -2.21 1.83 24.98
CA PHE D 176 -2.99 2.66 24.01
C PHE D 176 -4.49 2.42 24.05
N GLY D 177 -4.96 1.66 25.03
CA GLY D 177 -6.38 1.25 25.08
C GLY D 177 -7.34 2.30 25.62
N HIS D 178 -6.80 3.39 26.15
CA HIS D 178 -7.64 4.55 26.57
C HIS D 178 -7.83 5.64 25.49
N VAL D 179 -7.10 5.53 24.40
CA VAL D 179 -7.07 6.55 23.33
C VAL D 179 -8.48 6.85 22.83
N LEU D 180 -9.22 5.78 22.52
CA LEU D 180 -10.60 5.93 21.99
C LEU D 180 -11.60 6.50 22.99
N HIS D 181 -11.27 6.44 24.27
CA HIS D 181 -12.06 7.08 25.34
C HIS D 181 -11.68 8.56 25.63
N HIS D 182 -10.71 9.07 24.90
CA HIS D 182 -10.17 10.44 25.12
C HIS D 182 -9.95 11.17 23.82
N LEU D 183 -10.86 10.97 22.88
CA LEU D 183 -10.72 11.54 21.51
C LEU D 183 -10.79 13.07 21.44
N ASP D 184 -11.45 13.67 22.42
CA ASP D 184 -11.48 15.13 22.58
C ASP D 184 -10.25 15.68 23.30
N ALA D 185 -9.32 14.82 23.72
CA ALA D 185 -8.02 15.21 24.33
C ALA D 185 -6.87 15.42 23.34
N ASP D 186 -5.87 16.16 23.80
CA ASP D 186 -4.62 16.40 23.07
C ASP D 186 -3.62 15.30 23.39
N PHE D 187 -3.28 14.52 22.38
CA PHE D 187 -2.26 13.46 22.50
C PHE D 187 -0.96 14.13 22.14
N THR D 188 -0.33 14.67 23.17
CA THR D 188 0.90 15.47 23.01
C THR D 188 2.06 14.54 22.67
N PRO D 189 3.10 15.07 22.02
CA PRO D 189 4.28 14.25 21.72
C PRO D 189 4.90 13.58 22.96
N SER D 190 4.95 14.31 24.07
CA SER D 190 5.55 13.76 25.31
C SER D 190 4.72 12.57 25.85
N ASN D 191 3.40 12.74 25.84
CA ASN D 191 2.47 11.69 26.29
C ASN D 191 2.54 10.43 25.41
N LYS D 192 2.53 10.63 24.12
CA LYS D 192 2.61 9.55 23.15
C LYS D 192 3.92 8.79 23.31
N LEU D 193 5.02 9.51 23.43
CA LEU D 193 6.33 8.89 23.55
C LEU D 193 6.51 8.13 24.87
N ALA D 194 5.93 8.64 25.94
CA ALA D 194 5.94 7.96 27.22
C ALA D 194 5.19 6.61 27.12
N ALA D 195 4.10 6.61 26.37
CA ALA D 195 3.31 5.38 26.13
C ALA D 195 4.08 4.37 25.28
N VAL D 196 4.85 4.85 24.33
CA VAL D 196 5.75 3.96 23.52
C VAL D 196 6.76 3.29 24.43
N ILE D 197 7.43 4.10 25.23
CA ILE D 197 8.40 3.59 26.22
C ILE D 197 7.74 2.63 27.20
N GLY D 198 6.53 2.98 27.61
CA GLY D 198 5.73 2.15 28.47
C GLY D 198 5.48 0.74 27.92
N VAL D 199 4.99 0.66 26.68
CA VAL D 199 4.72 -0.63 26.07
C VAL D 199 5.99 -1.47 25.90
N VAL D 200 7.06 -0.82 25.45
CA VAL D 200 8.32 -1.54 25.23
C VAL D 200 8.84 -2.10 26.57
N GLY D 201 8.83 -1.26 27.59
CA GLY D 201 9.29 -1.65 28.94
C GLY D 201 8.50 -2.78 29.54
N GLU D 202 7.18 -2.68 29.41
CA GLU D 202 6.26 -3.69 29.93
C GLU D 202 6.38 -5.04 29.21
N VAL D 203 6.57 -5.00 27.90
CA VAL D 203 6.74 -6.25 27.13
C VAL D 203 8.06 -6.97 27.48
N VAL D 204 9.14 -6.21 27.47
CA VAL D 204 10.46 -6.72 27.82
C VAL D 204 10.46 -7.36 29.22
N THR D 205 9.87 -6.63 30.16
CA THR D 205 9.82 -7.05 31.55
C THR D 205 8.96 -8.33 31.68
N THR D 206 7.81 -8.30 31.05
CA THR D 206 6.91 -9.45 31.03
C THR D 206 7.64 -10.71 30.52
N MET D 207 8.35 -10.56 29.43
CA MET D 207 9.13 -11.70 28.88
C MET D 207 10.22 -12.17 29.87
N ALA D 208 10.95 -11.20 30.41
CA ALA D 208 12.05 -11.48 31.35
C ALA D 208 11.56 -12.21 32.64
N ILE D 209 10.48 -11.71 33.21
CA ILE D 209 9.91 -12.34 34.42
C ILE D 209 9.34 -13.73 34.14
N THR D 210 8.83 -13.93 32.93
CA THR D 210 8.27 -15.21 32.52
C THR D 210 9.35 -16.28 32.43
N VAL D 211 10.43 -15.95 31.73
CA VAL D 211 11.56 -16.88 31.65
C VAL D 211 12.29 -17.03 32.99
N ALA D 212 12.27 -16.00 33.82
CA ALA D 212 12.83 -16.08 35.16
C ALA D 212 12.11 -17.14 35.99
N ARG D 213 10.78 -17.14 35.91
CA ARG D 213 9.94 -18.14 36.56
C ARG D 213 10.25 -19.53 35.98
N GLU D 214 10.27 -19.61 34.65
CA GLU D 214 10.54 -20.86 33.94
C GLU D 214 11.84 -21.51 34.40
N PHE D 215 12.90 -20.71 34.49
CA PHE D 215 14.25 -21.22 34.82
C PHE D 215 14.62 -21.08 36.30
N LYS D 216 13.63 -20.71 37.10
CA LYS D 216 13.71 -20.70 38.57
C LYS D 216 14.82 -19.81 39.14
N THR D 217 14.86 -18.59 38.65
CA THR D 217 15.76 -17.56 39.15
C THR D 217 14.96 -16.32 39.43
N GLU D 218 15.36 -15.62 40.46
CA GLU D 218 14.74 -14.34 40.82
C GLU D 218 15.51 -13.14 40.28
N ASN D 219 16.70 -13.38 39.74
CA ASN D 219 17.57 -12.28 39.27
C ASN D 219 17.41 -11.99 37.81
N ILE D 220 17.19 -10.73 37.50
CA ILE D 220 17.07 -10.28 36.12
C ILE D 220 18.00 -9.09 35.91
N VAL D 221 18.99 -9.29 35.03
CA VAL D 221 19.95 -8.26 34.69
C VAL D 221 19.57 -7.66 33.33
N TYR D 222 19.38 -6.34 33.31
CA TYR D 222 19.01 -5.62 32.10
C TYR D 222 20.20 -4.85 31.54
N ILE D 223 20.53 -5.10 30.29
CA ILE D 223 21.59 -4.42 29.57
C ILE D 223 21.07 -3.92 28.23
N GLY D 224 21.92 -3.18 27.53
CA GLY D 224 21.63 -2.65 26.22
C GLY D 224 21.64 -1.14 26.26
N SER D 225 21.92 -0.53 25.11
CA SER D 225 21.99 0.93 25.03
C SER D 225 20.61 1.58 25.08
N SER D 226 19.54 0.79 25.00
CA SER D 226 18.16 1.35 25.10
C SER D 226 17.87 2.05 26.43
N PHE D 227 18.65 1.71 27.44
CA PHE D 227 18.57 2.34 28.74
C PHE D 227 19.31 3.68 28.89
N HIS D 228 20.16 4.01 27.92
N HIS D 228 20.08 4.05 27.87
CA HIS D 228 20.90 5.27 27.92
CA HIS D 228 20.86 5.27 27.87
C HIS D 228 19.99 6.48 27.65
C HIS D 228 19.97 6.48 27.63
N ASN D 229 20.10 7.48 28.52
CA ASN D 229 19.27 8.70 28.42
C ASN D 229 17.78 8.39 28.45
N ASN D 230 17.39 7.40 29.23
CA ASN D 230 15.98 7.02 29.35
C ASN D 230 15.69 6.48 30.73
N ALA D 231 15.65 7.40 31.68
CA ALA D 231 15.27 7.11 33.06
C ALA D 231 13.86 6.49 33.16
N LEU D 232 12.94 6.94 32.30
CA LEU D 232 11.57 6.41 32.30
C LEU D 232 11.57 4.91 31.97
N LEU D 233 12.31 4.52 30.93
CA LEU D 233 12.40 3.10 30.58
C LEU D 233 12.93 2.29 31.76
N ARG D 234 14.00 2.79 32.37
CA ARG D 234 14.60 2.11 33.53
C ARG D 234 13.59 1.94 34.64
N LYS D 235 12.82 2.98 34.89
CA LYS D 235 11.79 2.98 35.93
C LYS D 235 10.60 2.02 35.63
N VAL D 236 10.10 2.06 34.42
CA VAL D 236 9.01 1.12 34.01
C VAL D 236 9.46 -0.32 34.24
N VAL D 237 10.66 -0.63 33.78
CA VAL D 237 11.23 -1.98 33.88
C VAL D 237 11.49 -2.38 35.33
N GLU D 238 12.17 -1.50 36.05
CA GLU D 238 12.51 -1.75 37.45
C GLU D 238 11.29 -1.99 38.31
N ASP D 239 10.33 -1.07 38.24
CA ASP D 239 9.13 -1.13 39.09
C ASP D 239 8.34 -2.43 38.83
N TYR D 240 8.14 -2.77 37.57
CA TYR D 240 7.35 -3.94 37.23
C TYR D 240 8.08 -5.27 37.58
N THR D 241 9.40 -5.29 37.38
CA THR D 241 10.20 -6.44 37.79
C THR D 241 10.02 -6.72 39.29
N VAL D 242 10.14 -5.67 40.08
CA VAL D 242 9.96 -5.73 41.55
C VAL D 242 8.56 -6.18 41.90
N LEU D 243 7.56 -5.59 41.27
CA LEU D 243 6.14 -6.04 41.43
C LEU D 243 5.88 -7.52 41.18
N ARG D 244 6.63 -8.07 40.24
CA ARG D 244 6.55 -9.49 39.90
C ARG D 244 7.47 -10.37 40.74
N GLY D 245 8.03 -9.80 41.80
CA GLY D 245 8.77 -10.58 42.82
C GLY D 245 10.18 -10.93 42.38
N CYS D 246 10.72 -10.18 41.44
CA CYS D 246 12.06 -10.44 40.92
C CYS D 246 12.95 -9.27 41.26
N LYS D 247 14.24 -9.47 41.12
CA LYS D 247 15.25 -8.46 41.45
C LYS D 247 15.90 -7.95 40.17
N PRO D 248 15.61 -6.69 39.81
CA PRO D 248 16.24 -6.10 38.65
C PRO D 248 17.63 -5.52 38.94
N TYR D 249 18.52 -5.65 37.99
CA TYR D 249 19.86 -5.10 38.06
C TYR D 249 20.22 -4.40 36.77
N TYR D 250 20.75 -3.19 36.92
CA TYR D 250 21.41 -2.46 35.85
C TYR D 250 22.88 -2.43 36.18
N VAL D 251 23.68 -2.30 35.14
CA VAL D 251 25.13 -2.49 35.23
C VAL D 251 25.75 -1.28 34.58
N GLU D 252 26.73 -0.67 35.24
CA GLU D 252 27.50 0.42 34.64
C GLU D 252 28.24 -0.13 33.42
N ASN D 253 28.08 0.55 32.30
CA ASN D 253 28.62 0.11 31.00
C ASN D 253 28.09 -1.23 30.52
N GLY D 254 26.93 -1.63 31.02
CA GLY D 254 26.26 -2.87 30.60
C GLY D 254 26.11 -2.99 29.10
N ALA D 255 25.90 -1.85 28.42
CA ALA D 255 25.78 -1.80 26.96
C ALA D 255 27.04 -2.26 26.20
N PHE D 256 28.17 -2.27 26.92
CA PHE D 256 29.47 -2.72 26.40
C PHE D 256 29.82 -4.16 26.75
N SER D 257 28.88 -4.90 27.33
CA SER D 257 29.08 -6.30 27.72
C SER D 257 29.65 -7.15 26.57
N GLY D 258 29.03 -7.06 25.40
CA GLY D 258 29.48 -7.79 24.21
C GLY D 258 30.91 -7.44 23.76
N ALA D 259 31.20 -6.14 23.72
CA ALA D 259 32.52 -5.61 23.35
C ALA D 259 33.61 -6.09 24.32
N ILE D 260 33.35 -5.96 25.60
CA ILE D 260 34.26 -6.48 26.67
C ILE D 260 34.41 -7.99 26.55
N GLY D 261 33.27 -8.67 26.39
CA GLY D 261 33.24 -10.14 26.27
C GLY D 261 34.08 -10.69 25.12
N ALA D 262 34.00 -10.02 23.99
CA ALA D 262 34.77 -10.37 22.79
C ALA D 262 36.28 -10.39 23.08
N LEU D 263 36.76 -9.38 23.81
CA LEU D 263 38.18 -9.33 24.26
C LEU D 263 38.61 -10.51 25.13
N TYR D 264 37.68 -11.00 25.95
CA TYR D 264 38.01 -12.03 26.96
C TYR D 264 37.61 -13.44 26.62
N LEU D 265 37.07 -13.66 25.43
CA LEU D 265 36.75 -15.04 24.97
C LEU D 265 37.98 -15.74 24.36
PG ATP E . -12.84 21.66 -18.90
O1G ATP E . -11.74 22.63 -19.26
O2G ATP E . -14.23 22.26 -19.11
O3G ATP E . -12.59 20.26 -19.41
PB ATP E . -12.32 22.48 -16.10
O1B ATP E . -13.42 22.55 -15.03
O2B ATP E . -11.89 23.80 -16.70
O3B ATP E . -12.71 21.46 -17.26
PA ATP E . -9.88 22.14 -14.53
O1A ATP E . -10.53 23.08 -13.55
O2A ATP E . -8.61 22.51 -15.21
O3A ATP E . -11.01 21.70 -15.60
O5' ATP E . -9.63 20.72 -13.86
C5' ATP E . -10.69 19.99 -13.24
C4' ATP E . -10.12 18.79 -12.51
O4' ATP E . -9.23 19.21 -11.47
C3' ATP E . -11.13 17.88 -11.80
O3' ATP E . -11.72 16.99 -12.73
C2' ATP E . -10.26 17.20 -10.76
O2' ATP E . -9.48 16.16 -11.34
C1' ATP E . -9.27 18.31 -10.35
N9 ATP E . -9.63 19.10 -9.14
C8 ATP E . -8.76 19.90 -8.48
N7 ATP E . -9.33 20.51 -7.43
C5 ATP E . -10.58 20.08 -7.39
C6 ATP E . -11.71 20.34 -6.50
N6 ATP E . -11.55 21.19 -5.47
N1 ATP E . -12.88 19.74 -6.78
C2 ATP E . -13.04 18.92 -7.82
N3 ATP E . -12.02 18.64 -8.65
C4 ATP E . -10.80 19.18 -8.50
MG MG F . -10.90 24.22 -18.36
PG ATP G . 1.34 -8.10 -26.91
O1G ATP G . 2.45 -8.82 -26.17
O2G ATP G . 0.98 -6.71 -26.37
O3G ATP G . 1.59 -8.09 -28.41
PB ATP G . -0.61 -10.22 -27.41
O1B ATP G . -0.97 -11.43 -26.51
O2B ATP G . 0.19 -10.52 -28.64
O3B ATP G . 0.04 -9.01 -26.55
PA ATP G . -3.12 -10.00 -28.91
O1A ATP G . -3.14 -11.51 -29.10
O2A ATP G . -3.04 -9.19 -30.19
O3A ATP G . -2.04 -9.55 -27.80
O5' ATP G . -4.41 -9.49 -28.09
C5' ATP G . -4.64 -9.84 -26.72
C4' ATP G . -6.00 -9.30 -26.34
O4' ATP G . -6.96 -9.95 -27.16
C3' ATP G . -6.39 -9.60 -24.90
O3' ATP G . -5.87 -8.65 -23.96
C2' ATP G . -7.89 -9.55 -24.99
O2' ATP G . -8.32 -8.20 -24.91
C1' ATP G . -8.16 -10.09 -26.40
N9 ATP G . -8.60 -11.51 -26.51
C8 ATP G . -9.20 -12.00 -27.62
N7 ATP G . -9.51 -13.31 -27.46
C5 ATP G . -9.12 -13.66 -26.24
C6 ATP G . -9.15 -14.92 -25.48
N6 ATP G . -9.70 -16.02 -26.04
N1 ATP G . -8.63 -14.90 -24.24
C2 ATP G . -8.08 -13.78 -23.70
N3 ATP G . -8.01 -12.59 -24.34
C4 ATP G . -8.50 -12.48 -25.61
C06 N7G H . 4.39 -6.14 -26.60
C07 N7G H . 4.64 -4.61 -26.53
C08 N7G H . 5.61 -4.23 -27.68
C09 N7G H . 5.24 -4.27 -25.15
C10 N7G H . 3.29 -3.88 -26.72
O11 N7G H . 2.38 -4.40 -25.69
C12 N7G H . 3.42 -2.35 -26.62
O13 N7G H . 3.95 -1.68 -27.51
N14 N7G H . 2.92 -1.81 -25.51
C15 N7G H . 2.95 -0.38 -25.16
C16 N7G H . 4.32 0.03 -24.62
C17 N7G H . 4.39 1.53 -24.66
O18 N7G H . 4.59 2.08 -25.74
N19 N7G H . 4.16 2.19 -23.54
C20 N7G H . 4.18 3.64 -23.61
C21 N7G H . 3.75 4.38 -22.35
C22 N7G H . 4.59 3.89 -21.20
C23 N7G H . 4.72 4.95 -20.11
C24 N7G H . 5.97 4.56 -19.33
O25 N7G H . 5.67 3.92 -18.11
C26 N7G H . 6.84 3.77 -17.26
C06 N7G I . -13.68 21.65 -22.40
C07 N7G I . -13.18 20.78 -23.56
C08 N7G I . -12.58 21.74 -24.63
C09 N7G I . -14.36 20.00 -24.14
C10 N7G I . -12.09 19.80 -22.98
O11 N7G I . -12.65 19.06 -21.86
C12 N7G I . -11.55 18.82 -24.03
O13 N7G I . -10.78 19.18 -24.92
N14 N7G I . -11.96 17.52 -23.91
C15 N7G I . -11.54 16.47 -24.86
C16 N7G I . -12.32 16.63 -26.18
C17 N7G I . -11.70 15.76 -27.25
O18 N7G I . -10.83 16.20 -28.00
N19 N7G I . -12.13 14.51 -27.32
C20 N7G I . -11.59 13.57 -28.31
C21 N7G I . -12.18 12.19 -28.04
C22 N7G I . -13.15 11.89 -29.13
C23 N7G I . -13.88 10.64 -28.78
C24 N7G I . -14.97 10.38 -29.76
O25 N7G I . -16.15 11.02 -29.25
C26 N7G I . -17.33 10.65 -29.95
MG MG J . 1.29 -9.23 -30.01
PG ATP K . -11.23 -7.60 27.95
O1G ATP K . -12.02 -6.81 28.97
O2G ATP K . -9.75 -7.38 27.85
O3G ATP K . -11.49 -9.10 28.04
PB ATP K . -13.14 -7.62 25.68
O1B ATP K . -13.71 -8.85 26.31
O2B ATP K . -14.11 -6.50 25.43
O3B ATP K . -11.89 -7.10 26.54
PA ATP K . -12.79 -8.95 23.13
O1A ATP K . -12.32 -10.35 23.23
O2A ATP K . -14.29 -8.77 22.95
O3A ATP K . -12.27 -8.03 24.38
O5' ATP K . -11.92 -8.22 22.00
C5' ATP K . -11.96 -6.78 21.79
C4' ATP K . -11.21 -6.44 20.53
O4' ATP K . -11.77 -7.11 19.40
C3' ATP K . -11.18 -4.95 20.15
O3' ATP K . -10.22 -4.28 20.96
C2' ATP K . -10.89 -5.01 18.67
O2' ATP K . -9.50 -5.17 18.39
C1' ATP K . -11.65 -6.29 18.24
N9 ATP K . -13.02 -6.12 17.70
C8 ATP K . -13.67 -7.07 17.03
N7 ATP K . -14.90 -6.65 16.65
C5 ATP K . -15.02 -5.41 17.10
C6 ATP K . -16.05 -4.40 16.99
N6 ATP K . -17.18 -4.74 16.36
N1 ATP K . -15.83 -3.19 17.52
C2 ATP K . -14.69 -2.92 18.18
N3 ATP K . -13.68 -3.81 18.30
C4 ATP K . -13.79 -5.05 17.78
MG MG L . -12.80 -10.38 27.45
PG ATP M . 21.33 -5.37 18.24
O1G ATP M . 22.08 -6.06 19.39
O2G ATP M . 21.93 -5.66 16.86
O3G ATP M . 19.83 -5.56 18.38
PB ATP M . 22.59 -2.89 19.05
O1B ATP M . 23.67 -3.81 19.57
O2B ATP M . 22.90 -1.70 18.17
O3B ATP M . 21.43 -3.75 18.34
PA ATP M . 22.24 -1.41 21.53
O1A ATP M . 22.30 -2.23 22.78
O2A ATP M . 23.41 -0.50 21.14
O3A ATP M . 21.74 -2.34 20.31
O5' ATP M . 20.93 -0.46 21.68
C5' ATP M . 20.52 0.36 20.57
C4' ATP M . 19.40 1.28 21.03
O4' ATP M . 19.96 2.17 21.98
C3' ATP M . 18.76 2.16 19.97
O3' ATP M . 17.71 1.44 19.34
C2' ATP M . 18.27 3.33 20.79
O2' ATP M . 16.99 3.03 21.37
C1' ATP M . 19.29 3.42 21.94
N9 ATP M . 20.30 4.50 21.86
C8 ATP M . 21.05 4.93 22.89
N7 ATP M . 21.89 5.94 22.55
C5 ATP M . 21.70 6.15 21.24
C6 ATP M . 22.26 7.06 20.23
N6 ATP M . 23.21 7.96 20.56
N1 ATP M . 21.79 6.99 18.98
C2 ATP M . 20.85 6.10 18.61
N3 ATP M . 20.29 5.23 19.48
C4 ATP M . 20.67 5.21 20.78
C06 N7G N . -9.68 -8.15 31.30
C07 N7G N . -8.23 -8.36 31.70
C08 N7G N . -8.14 -9.66 32.55
C09 N7G N . -7.77 -7.08 32.49
C10 N7G N . -7.37 -8.51 30.38
O11 N7G N . -7.60 -7.40 29.55
C12 N7G N . -5.89 -8.66 30.62
O13 N7G N . -5.46 -9.72 31.06
N14 N7G N . -5.13 -7.56 30.33
C15 N7G N . -3.69 -7.52 30.53
C16 N7G N . -3.31 -7.35 32.03
C17 N7G N . -1.86 -7.73 32.26
O18 N7G N . -1.56 -8.89 32.56
N19 N7G N . -0.96 -6.75 32.20
C20 N7G N . 0.43 -7.11 32.40
C21 N7G N . 1.43 -6.01 32.10
C22 N7G N . 1.19 -4.75 32.96
C23 N7G N . 2.46 -4.32 33.65
C24 N7G N . 2.58 -2.87 34.01
O25 N7G N . 1.41 -2.43 34.75
C26 N7G N . 1.52 -1.31 35.63
C06 N7G O . 20.54 -8.73 17.04
C07 N7G O . 19.46 -9.76 17.47
C08 N7G O . 20.15 -10.93 18.18
C09 N7G O . 18.73 -10.22 16.17
C10 N7G O . 18.48 -9.07 18.47
O11 N7G O . 18.04 -7.86 17.93
C12 N7G O . 17.23 -9.89 18.78
O13 N7G O . 17.28 -10.93 19.43
N14 N7G O . 16.07 -9.42 18.25
C15 N7G O . 14.80 -10.12 18.40
C16 N7G O . 14.73 -11.34 17.50
C17 N7G O . 13.64 -12.30 17.97
O18 N7G O . 13.91 -13.15 18.80
N19 N7G O . 12.43 -12.15 17.42
C20 N7G O . 11.35 -12.98 17.87
C21 N7G O . 10.04 -12.62 17.22
C22 N7G O . 10.06 -12.76 15.69
C23 N7G O . 8.61 -13.02 15.32
C24 N7G O . 8.22 -13.30 13.88
O25 N7G O . 9.22 -12.92 12.89
C26 N7G O . 9.07 -13.64 11.65
MG MG P . 23.70 -5.64 20.58
#